data_3RPC
#
_entry.id   3RPC
#
_cell.length_a   85.859
_cell.length_b   97.104
_cell.length_c   123.352
_cell.angle_alpha   90.00
_cell.angle_beta   90.00
_cell.angle_gamma   90.00
#
_symmetry.space_group_name_H-M   'P 21 21 21'
#
loop_
_entity.id
_entity.type
_entity.pdbx_description
1 polymer 'possible metal-dependent hydrolase'
2 non-polymer 'ZINC ION'
3 water water
#
_entity_poly.entity_id   1
_entity_poly.type   'polypeptide(L)'
_entity_poly.pdbx_seq_one_letter_code
;SNA(MSE)TQYTHIRNATGKLTIKNTTFLIDPFLAPKDTYPGFEGTFNYQQR(MSE)P(MSE)VDLPLS(MSE)DDLLSN
VTAVVVTHTHLDHWDDTAINSIPKSLPIFVQNTADKELITSQGFIDVRIIFESLEFNGITLRKTGGSHGTVE(MSE)YAN
PVLAPLAGDA(MSE)GVIFEAADEPTVYLVGDTVWTSDVEKALLRFDPNVII(MSE)NTGYAQILGFEDSII(MSE)GTK
DIGR(MSE)VVRKPEAKIIAVH(MSE)DTVNHTATSRKDVRKFIKGNNIESHVAVPEDGETITL
;
_entity_poly.pdbx_strand_id   A,B,C,D
#
# COMPACT_ATOMS: atom_id res chain seq x y z
N ALA A 3 -3.98 39.49 16.68
CA ALA A 3 -3.25 40.13 17.77
C ALA A 3 -2.78 39.13 18.80
N THR A 5 -3.83 36.03 19.67
CA THR A 5 -3.76 34.60 19.34
C THR A 5 -2.59 34.31 18.42
N GLN A 6 -1.70 33.43 18.88
CA GLN A 6 -0.43 33.23 18.20
C GLN A 6 0.23 31.92 18.64
N TYR A 7 1.16 31.47 17.81
CA TYR A 7 2.00 30.32 18.14
C TYR A 7 3.45 30.75 18.09
N THR A 8 4.14 30.63 19.22
CA THR A 8 5.58 30.86 19.25
C THR A 8 6.29 29.52 19.26
N HIS A 9 7.03 29.24 18.20
CA HIS A 9 7.76 27.99 18.20
C HIS A 9 8.98 28.09 19.10
N ILE A 10 9.26 27.02 19.86
CA ILE A 10 10.43 27.04 20.75
C ILE A 10 11.54 26.14 20.19
N ARG A 11 11.31 24.83 20.16
CA ARG A 11 12.35 23.90 19.68
C ARG A 11 11.74 22.51 19.58
N ASN A 12 12.01 21.82 18.47
CA ASN A 12 11.41 20.50 18.20
C ASN A 12 9.88 20.59 18.16
N ALA A 13 9.20 19.94 19.10
CA ALA A 13 7.74 20.05 19.20
C ALA A 13 7.29 20.99 20.32
N THR A 14 8.26 21.65 20.96
CA THR A 14 7.94 22.55 22.07
C THR A 14 7.55 23.90 21.51
N GLY A 15 6.41 24.41 21.95
CA GLY A 15 5.92 25.71 21.51
C GLY A 15 5.02 26.32 22.56
N LYS A 16 4.68 27.59 22.38
CA LYS A 16 3.72 28.26 23.25
C LYS A 16 2.56 28.76 22.39
N LEU A 17 1.38 28.23 22.67
CA LEU A 17 0.17 28.58 21.94
C LEU A 17 -0.67 29.50 22.80
N THR A 18 -0.86 30.72 22.33
CA THR A 18 -1.67 31.67 23.09
C THR A 18 -2.99 31.84 22.39
N ILE A 19 -4.07 31.64 23.14
CA ILE A 19 -5.41 31.82 22.62
C ILE A 19 -6.11 32.64 23.68
N LYS A 20 -6.57 33.83 23.29
CA LYS A 20 -7.13 34.76 24.25
C LYS A 20 -6.08 35.10 25.31
N ASN A 21 -6.42 34.97 26.59
CA ASN A 21 -5.47 35.25 27.66
CA ASN A 21 -5.46 35.25 27.65
C ASN A 21 -4.80 33.99 28.21
N THR A 22 -4.92 32.89 27.49
CA THR A 22 -4.34 31.63 27.96
C THR A 22 -3.17 31.21 27.09
N THR A 23 -2.03 30.96 27.71
CA THR A 23 -0.87 30.45 26.97
C THR A 23 -0.55 29.02 27.40
N PHE A 24 -0.59 28.10 26.44
CA PHE A 24 -0.24 26.72 26.66
C PHE A 24 1.21 26.46 26.26
N LEU A 25 1.99 25.95 27.20
CA LEU A 25 3.30 25.40 26.86
C LEU A 25 3.10 23.96 26.41
N ILE A 26 3.46 23.71 25.15
CA ILE A 26 3.24 22.40 24.53
C ILE A 26 4.52 21.57 24.52
N ASP A 27 4.38 20.32 24.98
CA ASP A 27 5.42 19.29 24.87
C ASP A 27 6.82 19.81 25.18
N PRO A 28 7.04 20.29 26.42
CA PRO A 28 8.32 20.92 26.77
C PRO A 28 9.46 19.91 26.96
N PHE A 29 10.44 19.98 26.06
CA PHE A 29 11.66 19.23 26.10
C PHE A 29 12.72 20.32 26.16
N LEU A 30 13.23 20.57 27.37
CA LEU A 30 13.94 21.83 27.62
C LEU A 30 15.45 21.69 27.87
N ALA A 31 16.00 20.49 27.71
CA ALA A 31 17.41 20.24 28.03
C ALA A 31 18.37 21.12 27.25
N PRO A 32 19.51 21.48 27.87
CA PRO A 32 20.53 22.18 27.10
C PRO A 32 21.07 21.33 25.95
N LYS A 33 21.66 21.99 24.96
CA LYS A 33 22.32 21.33 23.83
C LYS A 33 23.16 20.11 24.24
N ASP A 34 22.98 19.01 23.52
CA ASP A 34 23.82 17.82 23.65
C ASP A 34 23.74 17.11 25.01
N THR A 35 22.68 17.38 25.76
CA THR A 35 22.49 16.74 27.05
C THR A 35 22.41 15.21 26.95
N TYR A 36 21.92 14.70 25.82
CA TYR A 36 21.67 13.28 25.68
C TYR A 36 22.36 12.68 24.47
N PRO A 37 22.68 11.38 24.53
CA PRO A 37 23.11 10.64 23.33
C PRO A 37 21.91 10.52 22.41
N GLY A 38 22.14 10.25 21.13
CA GLY A 38 21.03 10.00 20.21
C GLY A 38 20.24 8.78 20.65
N PHE A 39 18.97 8.70 20.25
CA PHE A 39 18.13 7.57 20.61
C PHE A 39 18.72 6.28 20.07
N GLU A 40 18.82 5.26 20.93
CA GLU A 40 19.40 3.99 20.51
C GLU A 40 18.58 3.36 19.38
N GLY A 41 19.29 2.83 18.39
CA GLY A 41 18.66 2.06 17.32
C GLY A 41 17.95 2.91 16.30
N THR A 42 18.22 4.21 16.29
CA THR A 42 17.53 5.11 15.38
C THR A 42 18.47 5.74 14.36
N PHE A 43 17.89 6.32 13.33
CA PHE A 43 18.62 7.05 12.31
C PHE A 43 19.59 8.06 12.96
N ASN A 44 20.84 8.03 12.54
CA ASN A 44 21.83 9.00 13.00
C ASN A 44 22.02 8.97 14.52
N TYR A 45 22.04 7.77 15.10
CA TYR A 45 22.09 7.63 16.56
C TYR A 45 23.36 8.19 17.17
N GLN A 46 24.41 8.37 16.36
CA GLN A 46 25.68 8.88 16.85
C GLN A 46 25.61 10.34 17.30
N GLN A 47 24.62 11.06 16.81
CA GLN A 47 24.48 12.48 17.06
C GLN A 47 23.79 12.73 18.40
N ARG A 48 24.38 13.60 19.22
CA ARG A 48 23.78 13.95 20.51
C ARG A 48 22.62 14.92 20.32
N PRO A 50 19.48 17.56 22.59
CA PRO A 50 19.09 18.34 21.41
C PRO A 50 20.30 18.97 20.72
N VAL A 52 20.58 21.82 19.23
CA VAL A 52 20.68 23.27 19.40
C VAL A 52 20.16 23.62 20.78
N ASP A 53 20.65 24.73 21.33
CA ASP A 53 20.15 25.25 22.60
C ASP A 53 18.80 25.90 22.38
N LEU A 54 18.08 26.16 23.46
CA LEU A 54 16.82 26.88 23.38
C LEU A 54 17.08 28.27 22.81
N PRO A 55 16.07 28.84 22.12
CA PRO A 55 16.22 30.17 21.49
C PRO A 55 15.94 31.32 22.44
N LEU A 56 15.55 31.03 23.68
CA LEU A 56 15.29 32.07 24.65
C LEU A 56 15.64 31.58 26.05
N SER A 57 15.80 32.53 26.98
CA SER A 57 16.10 32.19 28.37
C SER A 57 14.92 31.47 29.00
N ASP A 59 13.58 32.05 31.78
CA ASP A 59 12.66 33.03 32.32
C ASP A 59 11.65 33.49 31.27
N ASP A 60 12.13 33.79 30.06
CA ASP A 60 11.26 34.23 28.98
C ASP A 60 10.37 33.09 28.53
N LEU A 61 10.91 31.89 28.52
CA LEU A 61 10.12 30.72 28.11
C LEU A 61 8.95 30.53 29.05
N LEU A 62 9.18 30.62 30.36
CA LEU A 62 8.15 30.28 31.32
C LEU A 62 7.20 31.42 31.66
N SER A 63 7.59 32.65 31.31
CA SER A 63 6.95 33.87 31.83
C SER A 63 5.42 33.83 31.95
N ASN A 64 4.72 33.78 30.82
CA ASN A 64 3.26 33.90 30.81
C ASN A 64 2.53 32.58 30.59
N VAL A 65 3.18 31.48 30.94
CA VAL A 65 2.54 30.17 30.77
C VAL A 65 1.39 29.98 31.77
N THR A 66 0.22 29.60 31.25
CA THR A 66 -1.02 29.39 32.01
C THR A 66 -1.24 27.91 32.29
N ALA A 67 -0.80 27.07 31.36
CA ALA A 67 -1.02 25.64 31.48
C ALA A 67 -0.05 24.92 30.56
N VAL A 68 0.12 23.63 30.79
CA VAL A 68 1.01 22.82 29.97
C VAL A 68 0.19 21.71 29.32
N VAL A 69 0.50 21.41 28.06
CA VAL A 69 -0.12 20.29 27.36
C VAL A 69 0.98 19.32 27.00
N VAL A 70 0.85 18.08 27.46
CA VAL A 70 1.85 17.05 27.22
C VAL A 70 1.19 15.93 26.44
N THR A 71 1.51 15.84 25.15
CA THR A 71 0.81 14.87 24.28
C THR A 71 1.20 13.43 24.58
N HIS A 72 2.41 13.26 25.10
CA HIS A 72 2.94 11.97 25.52
C HIS A 72 4.28 12.22 26.21
N THR A 73 4.81 11.20 26.88
CA THR A 73 5.96 11.44 27.74
C THR A 73 7.28 10.89 27.19
N HIS A 74 7.37 10.76 25.86
CA HIS A 74 8.66 10.55 25.24
C HIS A 74 9.59 11.71 25.62
N LEU A 75 10.88 11.40 25.76
CA LEU A 75 11.89 12.38 26.18
C LEU A 75 11.82 13.70 25.43
N ASP A 76 11.62 13.63 24.12
CA ASP A 76 11.65 14.83 23.29
C ASP A 76 10.35 15.64 23.35
N HIS A 77 9.47 15.27 24.29
CA HIS A 77 8.24 16.02 24.56
C HIS A 77 8.04 16.34 26.05
N TRP A 78 8.89 15.76 26.90
CA TRP A 78 8.73 15.89 28.34
C TRP A 78 10.01 15.38 28.99
N ASP A 79 10.82 16.29 29.52
CA ASP A 79 12.13 15.87 30.01
C ASP A 79 12.40 16.35 31.44
N ASP A 80 13.51 15.88 32.01
CA ASP A 80 13.89 16.25 33.37
C ASP A 80 13.99 17.76 33.54
N THR A 81 14.54 18.44 32.54
CA THR A 81 14.67 19.89 32.64
C THR A 81 13.30 20.53 32.79
N ALA A 82 12.34 20.08 31.99
CA ALA A 82 10.97 20.56 32.12
C ALA A 82 10.41 20.26 33.49
N ILE A 83 10.56 19.02 33.94
CA ILE A 83 10.04 18.61 35.24
C ILE A 83 10.55 19.52 36.35
N ASN A 84 11.81 19.90 36.26
CA ASN A 84 12.45 20.67 37.34
C ASN A 84 12.30 22.17 37.22
N SER A 85 11.78 22.64 36.08
CA SER A 85 11.69 24.07 35.79
C SER A 85 10.26 24.60 35.85
N ILE A 86 9.30 23.79 35.43
CA ILE A 86 7.91 24.22 35.39
C ILE A 86 7.27 24.23 36.78
N PRO A 87 6.63 25.35 37.16
CA PRO A 87 5.96 25.41 38.46
C PRO A 87 4.99 24.24 38.64
N LYS A 88 5.07 23.59 39.80
CA LYS A 88 4.34 22.36 40.07
C LYS A 88 2.84 22.58 40.14
N SER A 89 2.43 23.84 40.28
CA SER A 89 1.01 24.14 40.44
C SER A 89 0.28 24.43 39.11
N LEU A 90 1.03 24.52 38.01
CA LEU A 90 0.38 24.77 36.71
C LEU A 90 -0.43 23.56 36.28
N PRO A 91 -1.62 23.80 35.73
CA PRO A 91 -2.39 22.68 35.18
C PRO A 91 -1.62 22.01 34.04
N ILE A 92 -1.54 20.68 34.08
CA ILE A 92 -0.88 19.88 33.05
C ILE A 92 -1.93 18.98 32.41
N PHE A 93 -2.12 19.10 31.10
CA PHE A 93 -3.09 18.30 30.39
C PHE A 93 -2.37 17.12 29.77
N VAL A 94 -2.91 15.92 29.97
CA VAL A 94 -2.26 14.70 29.53
C VAL A 94 -3.26 13.77 28.85
N GLN A 95 -2.75 12.70 28.21
CA GLN A 95 -3.59 11.86 27.36
C GLN A 95 -4.28 10.69 28.05
N ASN A 96 -3.77 10.25 29.19
CA ASN A 96 -4.27 9.02 29.80
C ASN A 96 -3.82 8.92 31.25
N THR A 97 -4.31 7.89 31.93
CA THR A 97 -4.02 7.71 33.35
C THR A 97 -2.53 7.44 33.60
N ALA A 98 -1.90 6.66 32.73
CA ALA A 98 -0.49 6.33 32.93
C ALA A 98 0.38 7.58 32.95
N ASP A 99 0.11 8.49 32.01
CA ASP A 99 0.86 9.73 31.95
C ASP A 99 0.53 10.61 33.16
N LYS A 100 -0.74 10.63 33.58
CA LYS A 100 -1.10 11.38 34.78
C LYS A 100 -0.34 10.84 35.98
N GLU A 101 -0.28 9.52 36.12
CA GLU A 101 0.40 8.94 37.27
C GLU A 101 1.87 9.29 37.26
N LEU A 102 2.48 9.24 36.08
CA LEU A 102 3.89 9.57 35.97
C LEU A 102 4.14 11.02 36.40
N ILE A 103 3.38 11.94 35.81
CA ILE A 103 3.62 13.36 36.03
C ILE A 103 3.25 13.79 37.45
N THR A 104 2.19 13.20 38.01
CA THR A 104 1.86 13.38 39.42
C THR A 104 3.01 12.93 40.31
N SER A 105 3.63 11.80 39.96
CA SER A 105 4.73 11.29 40.78
C SER A 105 5.93 12.23 40.70
N GLN A 106 5.93 13.09 39.70
CA GLN A 106 7.01 14.05 39.50
C GLN A 106 6.74 15.37 40.20
N GLY A 107 5.66 15.44 40.97
CA GLY A 107 5.42 16.58 41.84
C GLY A 107 4.33 17.53 41.38
N PHE A 108 3.76 17.28 40.21
CA PHE A 108 2.71 18.15 39.68
C PHE A 108 1.36 17.85 40.33
N ILE A 109 0.72 18.87 40.88
CA ILE A 109 -0.44 18.66 41.74
C ILE A 109 -1.78 18.86 41.03
N ASP A 110 -1.73 19.35 39.80
CA ASP A 110 -2.95 19.58 39.03
C ASP A 110 -2.79 19.01 37.61
N VAL A 111 -2.91 17.70 37.51
CA VAL A 111 -2.76 17.01 36.24
C VAL A 111 -4.13 16.51 35.78
N ARG A 112 -4.49 16.81 34.52
CA ARG A 112 -5.84 16.60 34.03
C ARG A 112 -5.81 15.76 32.77
N ILE A 113 -6.49 14.62 32.82
CA ILE A 113 -6.57 13.72 31.67
C ILE A 113 -7.66 14.18 30.71
N ILE A 114 -7.28 14.37 29.45
CA ILE A 114 -8.29 14.65 28.44
C ILE A 114 -8.85 13.31 27.95
N PHE A 115 -9.95 12.87 28.54
CA PHE A 115 -10.57 11.62 28.12
C PHE A 115 -11.25 11.79 26.77
N GLU A 116 -11.99 12.88 26.62
CA GLU A 116 -12.62 13.26 25.35
C GLU A 116 -12.34 14.72 25.10
N SER A 117 -12.90 15.59 25.94
CA SER A 117 -12.61 17.00 25.88
C SER A 117 -12.64 17.59 27.29
N LEU A 118 -11.92 18.68 27.48
CA LEU A 118 -12.00 19.44 28.73
C LEU A 118 -12.10 20.91 28.38
N GLU A 119 -12.64 21.69 29.30
CA GLU A 119 -12.71 23.14 29.13
CA GLU A 119 -12.69 23.14 29.11
C GLU A 119 -11.69 23.80 30.05
N PHE A 120 -11.06 24.86 29.56
CA PHE A 120 -10.09 25.59 30.36
C PHE A 120 -10.14 27.05 29.94
N ASN A 121 -10.62 27.91 30.85
CA ASN A 121 -10.65 29.33 30.57
C ASN A 121 -11.32 29.69 29.24
N GLY A 122 -12.41 29.00 28.94
CA GLY A 122 -13.20 29.27 27.75
C GLY A 122 -12.69 28.55 26.52
N ILE A 123 -11.60 27.81 26.67
CA ILE A 123 -11.01 27.07 25.56
C ILE A 123 -11.32 25.59 25.70
N THR A 124 -11.81 24.99 24.63
CA THR A 124 -12.11 23.56 24.64
C THR A 124 -10.93 22.80 24.05
N LEU A 125 -10.45 21.81 24.78
CA LEU A 125 -9.35 20.95 24.32
C LEU A 125 -9.93 19.58 24.05
N ARG A 126 -9.77 19.11 22.81
CA ARG A 126 -10.33 17.82 22.44
C ARG A 126 -9.21 16.88 22.06
N LYS A 127 -9.20 15.69 22.65
CA LYS A 127 -8.18 14.71 22.32
C LYS A 127 -8.41 14.10 20.95
N THR A 128 -7.35 14.02 20.15
CA THR A 128 -7.43 13.34 18.87
C THR A 128 -6.56 12.09 18.91
N GLY A 129 -6.87 11.13 18.04
CA GLY A 129 -6.12 9.89 17.99
C GLY A 129 -4.85 9.96 17.16
N GLY A 130 -4.04 8.92 17.25
CA GLY A 130 -2.83 8.85 16.47
C GLY A 130 -2.15 7.50 16.60
N SER A 131 -1.30 7.19 15.63
CA SER A 131 -0.43 6.02 15.69
C SER A 131 0.99 6.47 15.45
N HIS A 132 1.84 6.26 16.45
CA HIS A 132 3.23 6.74 16.42
C HIS A 132 4.12 5.72 15.68
N GLY A 133 3.70 5.37 14.46
CA GLY A 133 4.35 4.33 13.68
C GLY A 133 3.37 3.65 12.75
N THR A 134 3.90 2.94 11.75
CA THR A 134 3.06 2.19 10.83
C THR A 134 2.58 0.89 11.45
N VAL A 135 1.64 0.23 10.78
CA VAL A 135 1.13 -1.05 11.26
C VAL A 135 2.25 -2.07 11.41
N GLU A 136 3.12 -2.14 10.41
CA GLU A 136 4.27 -3.03 10.45
C GLU A 136 5.16 -2.79 11.68
N TYR A 138 4.15 -1.50 14.56
CA TYR A 138 3.42 -1.91 15.77
C TYR A 138 3.29 -3.42 15.86
N ALA A 139 3.53 -4.11 14.75
CA ALA A 139 3.55 -5.56 14.74
C ALA A 139 4.89 -6.08 15.28
N ASN A 140 5.86 -5.18 15.44
CA ASN A 140 7.16 -5.54 15.98
C ASN A 140 7.17 -5.40 17.50
N PRO A 141 7.42 -6.50 18.22
CA PRO A 141 7.33 -6.52 19.68
C PRO A 141 8.36 -5.63 20.37
N VAL A 142 9.46 -5.34 19.68
CA VAL A 142 10.49 -4.49 20.26
C VAL A 142 10.15 -3.02 20.08
N LEU A 143 9.81 -2.64 18.86
CA LEU A 143 9.52 -1.25 18.54
CA LEU A 143 9.50 -1.24 18.54
C LEU A 143 8.20 -0.77 19.17
N ALA A 144 7.19 -1.61 19.14
CA ALA A 144 5.85 -1.21 19.58
C ALA A 144 5.77 -0.52 20.96
N PRO A 145 6.31 -1.16 22.01
CA PRO A 145 6.18 -0.53 23.34
C PRO A 145 6.98 0.78 23.40
N LEU A 146 8.01 0.91 22.58
CA LEU A 146 8.78 2.14 22.52
C LEU A 146 8.01 3.26 21.84
N ALA A 147 7.09 2.90 20.95
CA ALA A 147 6.29 3.90 20.25
C ALA A 147 5.14 4.40 21.12
N GLY A 148 4.38 3.46 21.68
CA GLY A 148 3.30 3.78 22.62
C GLY A 148 2.16 4.61 22.06
N ASP A 149 1.43 5.29 22.94
CA ASP A 149 0.32 6.16 22.57
C ASP A 149 0.78 7.61 22.56
N ALA A 150 0.20 8.41 21.67
CA ALA A 150 0.50 9.83 21.64
C ALA A 150 -0.65 10.59 21.01
N GLY A 152 -3.11 13.86 19.70
CA GLY A 152 -3.13 15.23 19.23
C GLY A 152 -4.18 15.98 20.03
N VAL A 153 -4.28 17.28 19.83
CA VAL A 153 -5.25 18.10 20.54
C VAL A 153 -5.86 19.12 19.59
N ILE A 154 -7.18 19.21 19.61
CA ILE A 154 -7.92 20.28 18.94
C ILE A 154 -8.23 21.36 19.99
N PHE A 155 -7.84 22.60 19.70
CA PHE A 155 -8.18 23.73 20.57
C PHE A 155 -9.26 24.59 19.89
N GLU A 156 -10.38 24.79 20.58
CA GLU A 156 -11.46 25.62 20.06
C GLU A 156 -11.79 26.73 21.06
N ALA A 157 -12.14 27.90 20.55
CA ALA A 157 -12.59 29.00 21.41
C ALA A 157 -13.36 30.00 20.57
N ALA A 158 -14.26 30.75 21.22
CA ALA A 158 -15.13 31.68 20.50
C ALA A 158 -14.35 32.71 19.70
N ASP A 159 -14.65 32.79 18.40
CA ASP A 159 -14.06 33.81 17.53
C ASP A 159 -12.57 33.65 17.34
N GLU A 160 -12.07 32.45 17.64
CA GLU A 160 -10.66 32.15 17.47
C GLU A 160 -10.50 31.05 16.44
N PRO A 161 -9.34 31.01 15.75
CA PRO A 161 -9.10 29.88 14.84
C PRO A 161 -9.06 28.58 15.63
N THR A 162 -9.65 27.54 15.08
CA THR A 162 -9.51 26.23 15.65
C THR A 162 -8.12 25.71 15.29
N VAL A 163 -7.39 25.26 16.31
CA VAL A 163 -6.01 24.83 16.15
C VAL A 163 -5.91 23.32 16.34
N TYR A 164 -5.31 22.63 15.37
CA TYR A 164 -5.11 21.19 15.46
C TYR A 164 -3.63 20.91 15.68
N LEU A 165 -3.27 20.53 16.89
CA LEU A 165 -1.93 20.06 17.21
C LEU A 165 -1.95 18.56 16.90
N VAL A 166 -1.37 18.19 15.76
CA VAL A 166 -1.58 16.83 15.26
C VAL A 166 -0.89 15.76 16.12
N GLY A 167 0.31 16.09 16.60
CA GLY A 167 1.06 15.20 17.47
C GLY A 167 1.94 14.19 16.75
N ASP A 168 2.56 13.32 17.54
CA ASP A 168 3.45 12.29 17.00
C ASP A 168 2.64 11.11 16.45
N THR A 169 2.14 11.27 15.22
CA THR A 169 1.39 10.23 14.55
C THR A 169 1.74 10.24 13.07
N VAL A 170 1.62 9.09 12.46
CA VAL A 170 1.62 9.00 11.00
C VAL A 170 0.20 9.31 10.50
N TRP A 171 0.02 9.40 9.19
CA TRP A 171 -1.30 9.73 8.66
C TRP A 171 -2.23 8.52 8.76
N THR A 172 -3.21 8.59 9.65
CA THR A 172 -4.19 7.53 9.82
C THR A 172 -5.60 8.09 9.72
N SER A 173 -6.62 7.24 9.83
CA SER A 173 -7.98 7.71 9.81
C SER A 173 -8.30 8.63 10.99
N ASP A 174 -7.51 8.55 12.06
CA ASP A 174 -7.75 9.44 13.20
C ASP A 174 -7.49 10.88 12.79
N VAL A 175 -6.51 11.08 11.90
CA VAL A 175 -6.20 12.40 11.37
C VAL A 175 -7.35 12.86 10.46
N GLU A 176 -7.81 11.96 9.58
CA GLU A 176 -8.94 12.28 8.70
C GLU A 176 -10.17 12.65 9.50
N LYS A 177 -10.39 11.91 10.58
CA LYS A 177 -11.52 12.17 11.48
C LYS A 177 -11.45 13.56 12.09
N ALA A 178 -10.30 13.91 12.65
CA ALA A 178 -10.17 15.22 13.29
C ALA A 178 -10.35 16.33 12.27
N LEU A 179 -9.76 16.17 11.08
CA LEU A 179 -9.83 17.20 10.06
C LEU A 179 -11.27 17.48 9.63
N LEU A 180 -12.05 16.43 9.40
CA LEU A 180 -13.40 16.61 8.92
C LEU A 180 -14.35 17.06 10.03
N ARG A 181 -14.18 16.50 11.23
CA ARG A 181 -15.09 16.81 12.32
C ARG A 181 -14.93 18.23 12.85
N PHE A 182 -13.70 18.71 12.90
CA PHE A 182 -13.42 19.99 13.57
C PHE A 182 -12.91 21.10 12.66
N ASP A 183 -12.66 20.75 11.40
CA ASP A 183 -12.25 21.72 10.38
C ASP A 183 -11.29 22.77 10.92
N PRO A 184 -10.10 22.33 11.37
CA PRO A 184 -9.13 23.28 11.92
C PRO A 184 -8.65 24.33 10.92
N ASN A 185 -8.47 25.54 11.43
CA ASN A 185 -7.98 26.67 10.64
C ASN A 185 -6.46 26.79 10.70
N VAL A 186 -5.87 26.19 11.74
CA VAL A 186 -4.41 26.17 11.93
C VAL A 186 -4.02 24.75 12.25
N ILE A 187 -3.02 24.22 11.57
CA ILE A 187 -2.63 22.82 11.75
C ILE A 187 -1.14 22.73 12.02
N ILE A 188 -0.78 22.30 13.22
CA ILE A 188 0.61 22.22 13.63
C ILE A 188 1.04 20.75 13.51
N ASN A 190 4.08 17.62 13.08
CA ASN A 190 5.42 17.14 13.37
C ASN A 190 5.98 16.44 12.13
N THR A 191 6.85 17.13 11.40
CA THR A 191 7.20 16.69 10.05
C THR A 191 8.67 16.33 9.88
N GLY A 192 9.34 16.04 11.00
CA GLY A 192 10.74 15.68 10.97
C GLY A 192 11.05 14.27 10.46
N TYR A 193 10.03 13.47 10.21
CA TYR A 193 10.23 12.15 9.61
C TYR A 193 11.29 11.35 10.37
N ALA A 194 11.05 11.20 11.67
CA ALA A 194 11.92 10.41 12.54
C ALA A 194 11.94 8.95 12.07
N GLN A 195 13.13 8.38 11.97
CA GLN A 195 13.27 7.03 11.45
C GLN A 195 14.08 6.11 12.35
N ILE A 196 13.78 4.82 12.22
CA ILE A 196 14.40 3.77 13.01
C ILE A 196 15.27 2.94 12.09
N LEU A 197 16.42 2.49 12.57
CA LEU A 197 17.28 1.65 11.76
C LEU A 197 16.55 0.37 11.38
N GLY A 198 16.66 -0.01 10.11
CA GLY A 198 16.05 -1.24 9.63
C GLY A 198 14.60 -1.12 9.18
N PHE A 199 14.05 0.08 9.24
CA PHE A 199 12.66 0.33 8.82
C PHE A 199 12.58 1.48 7.81
N GLU A 200 11.77 1.31 6.77
CA GLU A 200 11.71 2.25 5.64
C GLU A 200 10.93 3.55 5.86
N ASP A 201 9.87 3.47 6.66
CA ASP A 201 8.96 4.60 6.81
C ASP A 201 9.31 5.43 8.05
N SER A 202 8.32 6.06 8.67
CA SER A 202 8.61 6.92 9.81
C SER A 202 7.62 6.69 10.96
N ILE A 203 8.03 7.05 12.17
CA ILE A 203 7.11 7.07 13.30
C ILE A 203 6.31 8.36 13.40
N ILE A 204 6.63 9.37 12.60
CA ILE A 204 5.84 10.59 12.54
C ILE A 204 5.63 10.97 11.08
N GLY A 206 6.15 13.53 7.48
CA GLY A 206 7.18 14.19 6.69
C GLY A 206 6.56 14.99 5.55
N THR A 207 7.33 15.21 4.50
CA THR A 207 6.87 16.05 3.40
C THR A 207 5.62 15.51 2.70
N LYS A 208 5.52 14.19 2.55
CA LYS A 208 4.33 13.62 1.91
C LYS A 208 3.06 14.09 2.60
N ASP A 209 3.11 14.10 3.93
CA ASP A 209 1.97 14.53 4.74
C ASP A 209 1.67 16.02 4.60
N ILE A 210 2.71 16.82 4.47
CA ILE A 210 2.49 18.24 4.26
C ILE A 210 1.73 18.48 2.95
N GLY A 211 2.15 17.79 1.89
CA GLY A 211 1.46 17.96 0.62
C GLY A 211 0.01 17.52 0.75
N ARG A 212 -0.21 16.42 1.45
CA ARG A 212 -1.56 15.87 1.59
C ARG A 212 -2.42 16.80 2.41
N VAL A 214 -2.25 20.03 2.59
CA VAL A 214 -2.61 21.19 1.81
C VAL A 214 -3.79 20.87 0.87
N VAL A 215 -3.81 19.65 0.35
CA VAL A 215 -4.92 19.21 -0.48
C VAL A 215 -6.19 19.08 0.38
N ARG A 216 -6.05 18.48 1.55
CA ARG A 216 -7.23 18.24 2.38
C ARG A 216 -7.83 19.54 2.94
N LYS A 217 -6.96 20.47 3.32
CA LYS A 217 -7.39 21.72 3.96
C LYS A 217 -6.72 22.91 3.28
N PRO A 218 -7.20 23.27 2.08
CA PRO A 218 -6.55 24.32 1.29
C PRO A 218 -6.56 25.71 1.93
N GLU A 219 -7.43 25.93 2.91
CA GLU A 219 -7.50 27.25 3.53
C GLU A 219 -6.83 27.32 4.89
N ALA A 220 -6.32 26.19 5.37
CA ALA A 220 -5.69 26.15 6.69
C ALA A 220 -4.29 26.72 6.64
N LYS A 221 -3.88 27.31 7.76
CA LYS A 221 -2.50 27.72 7.95
C LYS A 221 -1.76 26.53 8.54
N ILE A 222 -0.86 25.94 7.76
CA ILE A 222 -0.10 24.81 8.24
C ILE A 222 1.23 25.27 8.84
N ILE A 223 1.60 24.70 9.98
CA ILE A 223 2.84 25.05 10.65
C ILE A 223 3.62 23.76 10.87
N ALA A 224 4.78 23.64 10.23
CA ALA A 224 5.60 22.43 10.32
C ALA A 224 6.71 22.57 11.36
N VAL A 225 6.75 21.62 12.28
CA VAL A 225 7.71 21.65 13.38
C VAL A 225 8.33 20.25 13.62
N HIS A 226 8.94 20.05 14.79
CA HIS A 226 9.57 18.78 15.15
C HIS A 226 10.80 18.49 14.29
N ASP A 228 15.16 19.53 13.20
CA ASP A 228 16.48 20.11 13.46
C ASP A 228 16.84 20.10 14.95
N THR A 229 16.36 19.10 15.69
CA THR A 229 16.62 19.06 17.14
C THR A 229 17.05 17.67 17.62
N VAL A 230 16.21 16.66 17.40
CA VAL A 230 16.58 15.30 17.81
C VAL A 230 17.40 14.64 16.71
N ASN A 231 18.05 13.53 17.04
CA ASN A 231 19.00 12.94 16.10
C ASN A 231 18.37 12.25 14.93
N HIS A 232 17.19 11.65 15.12
CA HIS A 232 16.65 10.72 14.14
C HIS A 232 15.63 11.29 13.16
N THR A 233 15.37 12.59 13.24
CA THR A 233 14.47 13.24 12.29
C THR A 233 15.20 13.47 10.96
N ALA A 234 14.90 12.61 10.00
CA ALA A 234 15.61 12.56 8.72
C ALA A 234 15.17 13.62 7.74
N THR A 235 14.14 14.37 8.10
CA THR A 235 13.66 15.47 7.26
C THR A 235 13.88 16.78 8.02
N SER A 236 14.65 17.68 7.43
CA SER A 236 15.06 18.94 8.07
C SER A 236 14.20 20.11 7.60
N ARG A 237 14.35 21.27 8.24
CA ARG A 237 13.68 22.46 7.73
C ARG A 237 14.08 22.73 6.27
N LYS A 238 15.36 22.57 5.97
CA LYS A 238 15.86 22.80 4.61
C LYS A 238 15.10 21.89 3.65
N ASP A 239 14.91 20.62 4.04
CA ASP A 239 14.20 19.65 3.21
C ASP A 239 12.76 20.09 2.98
N VAL A 240 12.09 20.53 4.03
CA VAL A 240 10.70 20.93 3.89
C VAL A 240 10.60 22.18 3.03
N ARG A 241 11.53 23.12 3.23
CA ARG A 241 11.50 24.35 2.44
C ARG A 241 11.64 24.09 0.94
N LYS A 242 12.52 23.14 0.57
CA LYS A 242 12.67 22.78 -0.84
C LYS A 242 11.38 22.20 -1.40
N PHE A 243 10.76 21.33 -0.60
CA PHE A 243 9.56 20.64 -1.01
C PHE A 243 8.41 21.62 -1.21
N ILE A 244 8.18 22.49 -0.24
CA ILE A 244 7.05 23.41 -0.37
C ILE A 244 7.26 24.44 -1.48
N LYS A 245 8.51 24.85 -1.69
CA LYS A 245 8.81 25.72 -2.81
C LYS A 245 8.53 25.02 -4.15
N GLY A 246 9.06 23.81 -4.31
CA GLY A 246 8.90 23.08 -5.56
C GLY A 246 7.46 22.73 -5.89
N ASN A 247 6.62 22.61 -4.86
CA ASN A 247 5.21 22.32 -5.04
C ASN A 247 4.30 23.53 -5.00
N ASN A 248 4.89 24.72 -4.91
CA ASN A 248 4.14 25.96 -4.95
C ASN A 248 3.14 26.09 -3.82
N ILE A 249 3.50 25.58 -2.65
CA ILE A 249 2.61 25.65 -1.50
C ILE A 249 3.16 26.45 -0.32
N GLU A 250 4.12 27.33 -0.60
CA GLU A 250 4.71 28.15 0.46
C GLU A 250 3.69 29.04 1.17
N SER A 251 2.65 29.48 0.47
CA SER A 251 1.65 30.33 1.11
C SER A 251 0.81 29.57 2.12
N HIS A 252 0.83 28.24 2.03
CA HIS A 252 0.03 27.37 2.89
C HIS A 252 0.80 26.86 4.10
N VAL A 253 2.12 26.78 3.99
CA VAL A 253 2.94 26.09 4.97
C VAL A 253 4.05 26.96 5.54
N ALA A 254 3.99 27.19 6.85
CA ALA A 254 5.04 27.92 7.55
C ALA A 254 6.03 26.95 8.15
N VAL A 255 7.30 27.32 8.13
CA VAL A 255 8.36 26.55 8.77
C VAL A 255 9.08 27.49 9.74
N PRO A 256 8.52 27.66 10.94
CA PRO A 256 9.10 28.68 11.82
C PRO A 256 10.47 28.30 12.37
N GLU A 257 11.32 29.31 12.55
CA GLU A 257 12.57 29.10 13.26
C GLU A 257 12.29 28.93 14.74
N ASP A 258 13.25 28.36 15.46
CA ASP A 258 13.17 28.30 16.91
C ASP A 258 13.07 29.73 17.42
N GLY A 259 12.05 30.01 18.23
CA GLY A 259 11.85 31.34 18.81
C GLY A 259 10.92 32.23 18.00
N GLU A 260 10.57 31.80 16.79
CA GLU A 260 9.72 32.61 15.92
C GLU A 260 8.24 32.55 16.29
N THR A 261 7.58 33.71 16.24
CA THR A 261 6.15 33.80 16.52
C THR A 261 5.35 33.98 15.23
N ILE A 262 4.28 33.20 15.12
CA ILE A 262 3.33 33.30 14.02
C ILE A 262 1.97 33.73 14.58
N THR A 263 1.46 34.85 14.09
CA THR A 263 0.15 35.33 14.50
C THR A 263 -0.93 34.53 13.79
N LEU A 264 -1.91 34.04 14.54
CA LEU A 264 -2.91 33.14 13.99
C LEU A 264 -4.22 33.84 13.66
N ALA B 3 41.96 -1.22 -21.08
CA ALA B 3 41.32 -0.21 -20.26
C ALA B 3 40.73 -0.81 -18.99
N THR B 5 38.12 -1.49 -16.05
CA THR B 5 36.67 -1.52 -15.91
C THR B 5 36.26 -0.51 -14.85
N GLN B 6 35.34 0.37 -15.19
CA GLN B 6 35.05 1.52 -14.35
C GLN B 6 33.77 2.19 -14.81
N TYR B 7 33.22 3.03 -13.95
CA TYR B 7 32.08 3.85 -14.34
C TYR B 7 32.43 5.31 -14.09
N THR B 8 32.36 6.13 -15.13
CA THR B 8 32.54 7.56 -14.98
C THR B 8 31.18 8.23 -15.06
N HIS B 9 30.77 8.84 -13.96
CA HIS B 9 29.51 9.58 -13.94
C HIS B 9 29.73 10.90 -14.66
N ILE B 10 28.82 11.26 -15.55
CA ILE B 10 28.95 12.55 -16.24
C ILE B 10 28.00 13.61 -15.67
N ARG B 11 26.70 13.42 -15.89
CA ARG B 11 25.70 14.39 -15.46
C ARG B 11 24.31 13.76 -15.60
N ASN B 12 23.47 13.95 -14.60
CA ASN B 12 22.18 13.28 -14.53
C ASN B 12 22.35 11.78 -14.63
N ALA B 13 21.81 11.17 -15.68
CA ALA B 13 21.99 9.73 -15.88
C ALA B 13 23.01 9.43 -16.96
N THR B 14 23.66 10.47 -17.47
CA THR B 14 24.69 10.29 -18.48
C THR B 14 25.97 9.77 -17.82
N GLY B 15 26.53 8.70 -18.37
CA GLY B 15 27.73 8.13 -17.82
C GLY B 15 28.50 7.37 -18.86
N LYS B 16 29.71 6.96 -18.51
CA LYS B 16 30.52 6.13 -19.40
C LYS B 16 30.96 4.88 -18.64
N LEU B 17 30.44 3.73 -19.08
CA LEU B 17 30.76 2.45 -18.46
C LEU B 17 31.80 1.76 -19.32
N THR B 18 32.98 1.53 -18.76
CA THR B 18 34.01 0.78 -19.46
C THR B 18 34.07 -0.63 -18.88
N ILE B 19 33.92 -1.63 -19.75
CA ILE B 19 34.00 -3.03 -19.35
C ILE B 19 34.77 -3.73 -20.44
N LYS B 20 35.75 -4.53 -20.08
CA LYS B 20 36.48 -5.33 -21.05
C LYS B 20 36.84 -4.51 -22.31
N ASN B 21 37.55 -3.41 -22.09
CA ASN B 21 38.10 -2.58 -23.18
C ASN B 21 37.06 -1.85 -24.05
N THR B 22 35.81 -1.86 -23.60
CA THR B 22 34.71 -1.31 -24.36
C THR B 22 34.01 -0.24 -23.54
N THR B 23 33.87 0.96 -24.09
CA THR B 23 33.22 2.04 -23.34
C THR B 23 31.85 2.39 -23.89
N PHE B 24 30.83 2.24 -23.06
CA PHE B 24 29.46 2.57 -23.40
C PHE B 24 29.10 3.95 -22.86
N LEU B 25 28.70 4.85 -23.76
CA LEU B 25 28.11 6.13 -23.35
C LEU B 25 26.63 5.90 -23.09
N ILE B 26 26.21 6.12 -21.85
CA ILE B 26 24.85 5.83 -21.43
C ILE B 26 24.01 7.10 -21.38
N ASP B 27 22.82 7.04 -21.97
CA ASP B 27 21.80 8.09 -21.85
C ASP B 27 22.37 9.51 -21.93
N PRO B 28 22.94 9.87 -23.09
CA PRO B 28 23.58 11.18 -23.24
C PRO B 28 22.60 12.34 -23.39
N PHE B 29 22.55 13.18 -22.37
CA PHE B 29 21.78 14.42 -22.34
C PHE B 29 22.86 15.49 -22.20
N LEU B 30 23.20 16.16 -23.30
CA LEU B 30 24.45 16.93 -23.36
C LEU B 30 24.33 18.45 -23.49
N ALA B 31 23.10 18.96 -23.41
CA ALA B 31 22.85 20.39 -23.56
C ALA B 31 23.59 21.25 -22.54
N PRO B 32 23.95 22.49 -22.94
CA PRO B 32 24.53 23.43 -21.99
C PRO B 32 23.53 23.84 -20.92
N LYS B 33 24.06 24.38 -19.84
CA LYS B 33 23.25 24.86 -18.73
C LYS B 33 22.05 25.70 -19.18
N ASP B 34 20.89 25.40 -18.57
CA ASP B 34 19.68 26.21 -18.71
C ASP B 34 19.08 26.26 -20.11
N THR B 35 19.49 25.34 -20.98
CA THR B 35 18.96 25.30 -22.33
C THR B 35 17.43 25.19 -22.36
N TYR B 36 16.87 24.35 -21.50
CA TYR B 36 15.44 24.03 -21.53
C TYR B 36 14.67 24.62 -20.35
N PRO B 37 13.38 24.89 -20.56
CA PRO B 37 12.55 25.21 -19.39
C PRO B 37 12.32 23.91 -18.63
N GLY B 38 11.94 24.01 -17.36
CA GLY B 38 11.64 22.82 -16.59
C GLY B 38 10.51 22.04 -17.23
N PHE B 39 10.49 20.73 -17.01
CA PHE B 39 9.42 19.89 -17.57
C PHE B 39 8.05 20.39 -17.12
N GLU B 40 7.13 20.54 -18.06
CA GLU B 40 5.80 21.07 -17.74
C GLU B 40 5.07 20.16 -16.74
N GLY B 41 4.42 20.76 -15.76
CA GLY B 41 3.60 20.01 -14.83
C GLY B 41 4.36 19.23 -13.78
N THR B 42 5.66 19.50 -13.66
CA THR B 42 6.49 18.76 -12.70
C THR B 42 6.97 19.63 -11.53
N PHE B 43 7.47 18.95 -10.50
CA PHE B 43 8.05 19.61 -9.34
C PHE B 43 9.09 20.64 -9.77
N ASN B 44 9.00 21.85 -9.20
CA ASN B 44 10.00 22.89 -9.44
C ASN B 44 10.15 23.20 -10.95
N TYR B 45 9.02 23.23 -11.67
CA TYR B 45 9.09 23.45 -13.12
C TYR B 45 9.65 24.83 -13.54
N GLN B 46 9.72 25.76 -12.59
CA GLN B 46 10.23 27.11 -12.88
C GLN B 46 11.74 27.10 -13.15
N GLN B 47 12.42 26.08 -12.62
N GLN B 47 12.39 26.06 -12.67
CA GLN B 47 13.86 25.96 -12.77
CA GLN B 47 13.83 25.90 -12.79
C GLN B 47 14.24 25.39 -14.15
C GLN B 47 14.20 25.40 -14.19
N ARG B 48 15.07 26.14 -14.88
CA ARG B 48 15.54 25.70 -16.19
C ARG B 48 16.54 24.56 -16.03
N PRO B 50 19.53 21.74 -18.25
CA PRO B 50 20.19 21.19 -17.07
C PRO B 50 20.70 22.30 -16.16
N VAL B 52 23.37 22.53 -14.40
CA VAL B 52 24.81 22.78 -14.49
C VAL B 52 25.30 22.36 -15.86
N ASP B 53 26.44 22.92 -16.27
CA ASP B 53 27.09 22.50 -17.51
C ASP B 53 27.76 21.14 -17.32
N LEU B 54 28.22 20.55 -18.43
CA LEU B 54 28.97 19.30 -18.36
C LEU B 54 30.30 19.51 -17.63
N PRO B 55 30.79 18.45 -16.95
CA PRO B 55 32.03 18.55 -16.16
C PRO B 55 33.29 18.33 -16.98
N LEU B 56 33.13 18.16 -18.28
CA LEU B 56 34.27 17.89 -19.15
C LEU B 56 33.96 18.37 -20.56
N SER B 57 34.99 18.51 -21.38
CA SER B 57 34.79 18.97 -22.74
C SER B 57 34.08 17.91 -23.56
N ASP B 59 34.94 16.79 -26.45
CA ASP B 59 35.92 15.87 -27.00
C ASP B 59 36.38 14.85 -25.97
N ASP B 60 36.56 15.30 -24.74
CA ASP B 60 36.93 14.42 -23.64
C ASP B 60 35.79 13.41 -23.42
N LEU B 61 34.55 13.90 -23.44
CA LEU B 61 33.39 13.03 -23.29
C LEU B 61 33.33 11.95 -24.39
N LEU B 62 33.49 12.35 -25.64
CA LEU B 62 33.24 11.44 -26.77
C LEU B 62 34.42 10.60 -27.23
N SER B 63 35.63 11.01 -26.88
CA SER B 63 36.83 10.45 -27.49
C SER B 63 36.91 8.92 -27.47
N ASN B 64 36.72 8.32 -26.29
CA ASN B 64 36.96 6.88 -26.12
C ASN B 64 35.69 6.05 -26.22
N VAL B 65 34.63 6.65 -26.72
CA VAL B 65 33.34 5.96 -26.74
C VAL B 65 33.29 4.90 -27.86
N THR B 66 32.86 3.69 -27.49
CA THR B 66 32.79 2.57 -28.42
C THR B 66 31.38 2.37 -28.94
N ALA B 67 30.41 2.66 -28.10
CA ALA B 67 29.01 2.48 -28.42
C ALA B 67 28.18 3.32 -27.45
N VAL B 68 26.92 3.53 -27.81
CA VAL B 68 26.00 4.29 -26.97
C VAL B 68 24.85 3.41 -26.56
N VAL B 69 24.42 3.54 -25.30
CA VAL B 69 23.24 2.83 -24.82
C VAL B 69 22.20 3.88 -24.47
N VAL B 70 21.03 3.79 -25.09
CA VAL B 70 19.95 4.75 -24.84
C VAL B 70 18.75 4.01 -24.27
N THR B 71 18.51 4.19 -22.96
CA THR B 71 17.49 3.38 -22.30
C THR B 71 16.08 3.79 -22.69
N HIS B 72 15.94 5.05 -23.05
CA HIS B 72 14.71 5.63 -23.56
C HIS B 72 15.02 7.02 -24.08
N THR B 73 14.09 7.58 -24.85
CA THR B 73 14.40 8.84 -25.53
C THR B 73 13.76 10.07 -24.90
N HIS B 74 13.47 10.01 -23.59
CA HIS B 74 13.15 11.24 -22.86
C HIS B 74 14.30 12.23 -23.02
N LEU B 75 13.97 13.52 -23.04
CA LEU B 75 14.95 14.59 -23.24
C LEU B 75 16.17 14.47 -22.33
N ASP B 76 15.95 14.16 -21.06
CA ASP B 76 17.06 14.06 -20.11
C ASP B 76 17.88 12.78 -20.24
N HIS B 77 17.65 12.01 -21.31
CA HIS B 77 18.45 10.82 -21.64
C HIS B 77 18.95 10.79 -23.08
N TRP B 78 18.49 11.75 -23.89
CA TRP B 78 18.79 11.77 -25.32
C TRP B 78 18.30 13.12 -25.83
N ASP B 79 19.23 14.03 -26.11
CA ASP B 79 18.85 15.38 -26.53
C ASP B 79 19.50 15.84 -27.83
N ASP B 80 19.09 17.01 -28.28
CA ASP B 80 19.57 17.55 -29.54
C ASP B 80 21.09 17.68 -29.55
N THR B 81 21.68 18.13 -28.45
CA THR B 81 23.12 18.25 -28.41
C THR B 81 23.77 16.88 -28.64
N ALA B 82 23.24 15.84 -28.00
CA ALA B 82 23.72 14.48 -28.22
C ALA B 82 23.59 14.09 -29.69
N ILE B 83 22.41 14.34 -30.25
CA ILE B 83 22.14 14.00 -31.65
C ILE B 83 23.12 14.65 -32.62
N ASN B 84 23.51 15.88 -32.33
CA ASN B 84 24.37 16.65 -33.21
C ASN B 84 25.86 16.51 -32.93
N SER B 85 26.21 15.85 -31.83
CA SER B 85 27.60 15.74 -31.43
C SER B 85 28.16 14.32 -31.52
N ILE B 86 27.32 13.32 -31.28
CA ILE B 86 27.79 11.94 -31.34
C ILE B 86 27.98 11.48 -32.79
N PRO B 87 29.16 10.93 -33.10
CA PRO B 87 29.39 10.44 -34.47
C PRO B 87 28.25 9.51 -34.91
N LYS B 88 27.75 9.74 -36.12
CA LYS B 88 26.58 9.02 -36.62
C LYS B 88 26.84 7.53 -36.84
N SER B 89 28.12 7.14 -36.87
CA SER B 89 28.48 5.75 -37.08
C SER B 89 28.62 4.91 -35.80
N LEU B 90 28.56 5.53 -34.63
CA LEU B 90 28.66 4.73 -33.41
C LEU B 90 27.47 3.81 -33.27
N PRO B 91 27.71 2.53 -32.93
CA PRO B 91 26.56 1.69 -32.65
C PRO B 91 25.72 2.27 -31.50
N ILE B 92 24.41 2.28 -31.68
CA ILE B 92 23.49 2.77 -30.64
C ILE B 92 22.57 1.64 -30.23
N PHE B 93 22.58 1.27 -28.95
CA PHE B 93 21.71 0.22 -28.46
C PHE B 93 20.45 0.84 -27.88
N VAL B 94 19.28 0.32 -28.29
CA VAL B 94 17.99 0.87 -27.90
C VAL B 94 17.00 -0.21 -27.46
N GLN B 95 15.88 0.21 -26.89
CA GLN B 95 14.98 -0.71 -26.20
C GLN B 95 13.90 -1.29 -27.11
N ASN B 96 13.60 -0.62 -28.21
CA ASN B 96 12.48 -1.05 -29.05
C ASN B 96 12.50 -0.43 -30.44
N THR B 97 11.57 -0.87 -31.28
CA THR B 97 11.53 -0.44 -32.66
C THR B 97 11.23 1.05 -32.79
N ALA B 98 10.32 1.56 -31.95
CA ALA B 98 10.01 2.99 -32.00
C ALA B 98 11.25 3.85 -31.76
N ASP B 99 12.08 3.47 -30.79
CA ASP B 99 13.28 4.24 -30.49
C ASP B 99 14.32 4.06 -31.59
N LYS B 100 14.39 2.87 -32.18
CA LYS B 100 15.28 2.67 -33.32
C LYS B 100 14.86 3.56 -34.48
N GLU B 101 13.56 3.58 -34.79
CA GLU B 101 13.07 4.40 -35.89
C GLU B 101 13.40 5.88 -35.65
N LEU B 102 13.25 6.34 -34.41
CA LEU B 102 13.51 7.73 -34.10
C LEU B 102 14.99 8.07 -34.30
N ILE B 103 15.86 7.25 -33.72
CA ILE B 103 17.29 7.54 -33.77
C ILE B 103 17.86 7.34 -35.18
N THR B 104 17.31 6.39 -35.92
CA THR B 104 17.67 6.23 -37.33
C THR B 104 17.30 7.49 -38.10
N SER B 105 16.11 8.02 -37.82
CA SER B 105 15.65 9.24 -38.51
C SER B 105 16.55 10.44 -38.20
N GLN B 106 17.30 10.35 -37.10
CA GLN B 106 18.18 11.44 -36.70
C GLN B 106 19.60 11.26 -37.26
N GLY B 107 19.75 10.30 -38.19
CA GLY B 107 20.97 10.16 -38.96
C GLY B 107 21.93 9.08 -38.50
N PHE B 108 21.56 8.36 -37.46
CA PHE B 108 22.42 7.29 -36.94
C PHE B 108 22.28 6.02 -37.76
N ILE B 109 23.40 5.51 -38.25
CA ILE B 109 23.37 4.45 -39.26
C ILE B 109 23.50 3.05 -38.68
N ASP B 110 23.75 2.94 -37.38
CA ASP B 110 24.01 1.65 -36.76
C ASP B 110 23.28 1.58 -35.43
N VAL B 111 21.98 1.31 -35.49
CA VAL B 111 21.12 1.29 -34.31
C VAL B 111 20.59 -0.12 -34.12
N ARG B 112 20.77 -0.65 -32.91
CA ARG B 112 20.50 -2.05 -32.64
C ARG B 112 19.53 -2.20 -31.49
N ILE B 113 18.42 -2.89 -31.74
CA ILE B 113 17.42 -3.11 -30.70
C ILE B 113 17.79 -4.29 -29.80
N ILE B 114 17.73 -4.09 -28.50
CA ILE B 114 17.92 -5.21 -27.58
C ILE B 114 16.56 -5.85 -27.30
N PHE B 115 16.23 -6.88 -28.05
CA PHE B 115 14.95 -7.57 -27.86
C PHE B 115 14.94 -8.39 -26.57
N GLU B 116 15.98 -9.21 -26.40
CA GLU B 116 16.20 -9.96 -25.16
C GLU B 116 17.61 -9.68 -24.69
N SER B 117 18.58 -10.10 -25.49
CA SER B 117 19.97 -9.80 -25.24
C SER B 117 20.75 -9.73 -26.54
N LEU B 118 21.86 -8.99 -26.50
CA LEU B 118 22.78 -8.91 -27.63
C LEU B 118 24.19 -9.06 -27.09
N GLU B 119 25.12 -9.44 -27.97
CA GLU B 119 26.52 -9.54 -27.58
CA GLU B 119 26.53 -9.53 -27.58
C GLU B 119 27.37 -8.58 -28.43
N PHE B 120 28.27 -7.86 -27.78
CA PHE B 120 29.09 -6.85 -28.45
C PHE B 120 30.47 -6.89 -27.79
N ASN B 121 31.51 -7.18 -28.56
CA ASN B 121 32.85 -7.34 -28.01
C ASN B 121 32.90 -8.33 -26.84
N GLY B 122 32.09 -9.39 -26.92
CA GLY B 122 32.08 -10.42 -25.90
C GLY B 122 31.35 -10.02 -24.64
N ILE B 123 30.68 -8.87 -24.67
CA ILE B 123 29.90 -8.40 -23.53
C ILE B 123 28.44 -8.63 -23.86
N THR B 124 27.73 -9.26 -22.94
CA THR B 124 26.30 -9.50 -23.14
C THR B 124 25.50 -8.34 -22.54
N LEU B 125 24.61 -7.78 -23.34
CA LEU B 125 23.70 -6.71 -22.89
C LEU B 125 22.31 -7.30 -22.84
N ARG B 126 21.73 -7.34 -21.64
CA ARG B 126 20.40 -7.92 -21.45
C ARG B 126 19.41 -6.83 -21.05
N LYS B 127 18.31 -6.74 -21.77
CA LYS B 127 17.28 -5.77 -21.45
C LYS B 127 16.52 -6.18 -20.19
N THR B 128 16.34 -5.23 -19.28
CA THR B 128 15.50 -5.46 -18.10
C THR B 128 14.24 -4.58 -18.16
N GLY B 129 13.21 -4.97 -17.41
CA GLY B 129 11.97 -4.25 -17.38
C GLY B 129 11.95 -3.07 -16.42
N GLY B 130 10.90 -2.27 -16.52
CA GLY B 130 10.72 -1.14 -15.62
C GLY B 130 9.38 -0.46 -15.86
N SER B 131 8.96 0.30 -14.86
CA SER B 131 7.79 1.15 -14.97
C SER B 131 8.18 2.54 -14.49
N HIS B 132 8.08 3.49 -15.40
CA HIS B 132 8.51 4.88 -15.17
C HIS B 132 7.42 5.67 -14.45
N GLY B 133 6.93 5.11 -13.34
CA GLY B 133 5.81 5.68 -12.61
C GLY B 133 5.04 4.62 -11.85
N THR B 134 4.16 5.05 -10.95
CA THR B 134 3.36 4.13 -10.16
C THR B 134 2.12 3.71 -10.93
N VAL B 135 1.43 2.68 -10.46
CA VAL B 135 0.25 2.19 -11.15
C VAL B 135 -0.78 3.31 -11.29
N GLU B 136 -0.97 4.09 -10.22
CA GLU B 136 -1.94 5.17 -10.28
C GLU B 136 -1.56 6.24 -11.30
N TYR B 138 0.10 5.56 -14.17
CA TYR B 138 -0.15 4.99 -15.49
C TYR B 138 -1.65 4.86 -15.77
N ALA B 139 -2.46 4.91 -14.71
CA ALA B 139 -3.90 4.94 -14.85
C ALA B 139 -4.39 6.32 -15.31
N ASN B 140 -3.51 7.31 -15.23
CA ASN B 140 -3.86 8.67 -15.66
C ASN B 140 -3.54 8.87 -17.15
N PRO B 141 -4.57 9.20 -17.96
CA PRO B 141 -4.40 9.25 -19.41
C PRO B 141 -3.49 10.37 -19.88
N VAL B 142 -3.27 11.37 -19.02
CA VAL B 142 -2.36 12.46 -19.36
C VAL B 142 -0.92 12.09 -19.05
N LEU B 143 -0.68 11.60 -17.84
CA LEU B 143 0.67 11.24 -17.42
C LEU B 143 1.23 10.05 -18.18
N ALA B 144 0.40 9.03 -18.38
CA ALA B 144 0.89 7.76 -18.91
C ALA B 144 1.73 7.86 -20.20
N PRO B 145 1.20 8.55 -21.23
CA PRO B 145 1.98 8.68 -22.46
C PRO B 145 3.30 9.41 -22.24
N LEU B 146 3.33 10.34 -21.27
CA LEU B 146 4.53 11.12 -20.99
C LEU B 146 5.57 10.30 -20.23
N ALA B 147 5.14 9.17 -19.66
CA ALA B 147 6.05 8.30 -18.94
C ALA B 147 6.67 7.26 -19.88
N GLY B 148 5.83 6.57 -20.64
CA GLY B 148 6.29 5.63 -21.66
C GLY B 148 7.04 4.41 -21.14
N ASP B 149 7.79 3.75 -22.04
CA ASP B 149 8.64 2.61 -21.68
C ASP B 149 10.09 3.07 -21.48
N ALA B 150 10.80 2.41 -20.58
CA ALA B 150 12.21 2.71 -20.35
C ALA B 150 12.89 1.49 -19.76
N GLY B 152 16.04 -1.07 -18.33
CA GLY B 152 17.36 -1.14 -17.73
C GLY B 152 18.21 -2.08 -18.55
N VAL B 153 19.48 -2.19 -18.21
CA VAL B 153 20.39 -3.10 -18.93
C VAL B 153 21.31 -3.81 -17.96
N ILE B 154 21.43 -5.13 -18.12
CA ILE B 154 22.43 -5.91 -17.43
C ILE B 154 23.60 -6.13 -18.39
N PHE B 155 24.80 -5.82 -17.93
CA PHE B 155 26.02 -6.07 -18.71
C PHE B 155 26.78 -7.22 -18.08
N GLU B 156 27.11 -8.23 -18.87
CA GLU B 156 27.87 -9.38 -18.37
C GLU B 156 29.05 -9.66 -19.30
N ALA B 157 30.18 -10.02 -18.71
CA ALA B 157 31.36 -10.40 -19.47
C ALA B 157 32.29 -11.26 -18.62
N ALA B 158 33.01 -12.16 -19.27
CA ALA B 158 33.92 -13.06 -18.58
C ALA B 158 34.89 -12.29 -17.69
N ASP B 159 35.00 -12.72 -16.43
CA ASP B 159 35.97 -12.14 -15.51
C ASP B 159 35.71 -10.66 -15.26
N GLU B 160 34.47 -10.23 -15.49
CA GLU B 160 34.08 -8.85 -15.21
C GLU B 160 32.91 -8.82 -14.24
N PRO B 161 32.82 -7.76 -13.43
CA PRO B 161 31.62 -7.66 -12.60
C PRO B 161 30.37 -7.53 -13.47
N THR B 162 29.27 -8.14 -13.04
CA THR B 162 28.01 -7.93 -13.72
C THR B 162 27.45 -6.58 -13.29
N VAL B 163 27.10 -5.75 -14.26
CA VAL B 163 26.62 -4.39 -13.98
C VAL B 163 25.14 -4.24 -14.32
N TYR B 164 24.35 -3.76 -13.38
CA TYR B 164 22.92 -3.53 -13.58
C TYR B 164 22.65 -2.03 -13.68
N LEU B 165 22.34 -1.56 -14.89
CA LEU B 165 21.88 -0.19 -15.09
C LEU B 165 20.38 -0.25 -14.92
N VAL B 166 19.88 0.19 -13.77
CA VAL B 166 18.49 -0.06 -13.43
C VAL B 166 17.52 0.73 -14.33
N GLY B 167 17.88 1.98 -14.63
CA GLY B 167 17.07 2.82 -15.50
C GLY B 167 15.98 3.62 -14.82
N ASP B 168 15.17 4.31 -15.62
CA ASP B 168 14.09 5.14 -15.11
C ASP B 168 12.88 4.27 -14.78
N THR B 169 12.90 3.67 -13.59
CA THR B 169 11.82 2.83 -13.14
C THR B 169 11.66 3.01 -11.64
N VAL B 170 10.44 2.81 -11.16
CA VAL B 170 10.19 2.63 -9.73
C VAL B 170 10.49 1.18 -9.36
N TRP B 171 10.43 0.84 -8.08
CA TRP B 171 10.76 -0.52 -7.67
C TRP B 171 9.61 -1.47 -7.95
N THR B 172 9.75 -2.27 -9.01
CA THR B 172 8.71 -3.20 -9.40
C THR B 172 9.25 -4.63 -9.38
N SER B 173 8.39 -5.59 -9.72
CA SER B 173 8.84 -6.97 -9.81
C SER B 173 9.90 -7.16 -10.88
N ASP B 174 9.93 -6.28 -11.89
CA ASP B 174 10.96 -6.40 -12.91
C ASP B 174 12.33 -6.14 -12.31
N VAL B 175 12.40 -5.26 -11.30
CA VAL B 175 13.66 -5.03 -10.60
C VAL B 175 14.06 -6.25 -9.76
N GLU B 176 13.10 -6.80 -9.03
CA GLU B 176 13.37 -8.01 -8.25
C GLU B 176 13.80 -9.18 -9.16
N LYS B 177 13.19 -9.27 -10.34
CA LYS B 177 13.55 -10.35 -11.27
C LYS B 177 15.00 -10.21 -11.73
N ALA B 178 15.38 -9.03 -12.18
CA ALA B 178 16.73 -8.81 -12.64
C ALA B 178 17.76 -9.06 -11.52
N LEU B 179 17.45 -8.57 -10.32
CA LEU B 179 18.35 -8.76 -9.18
C LEU B 179 18.58 -10.24 -8.85
N LEU B 180 17.50 -11.02 -8.83
CA LEU B 180 17.64 -12.42 -8.46
C LEU B 180 18.25 -13.24 -9.58
N ARG B 181 17.83 -12.97 -10.80
CA ARG B 181 18.28 -13.77 -11.94
C ARG B 181 19.75 -13.54 -12.30
N PHE B 182 20.21 -12.30 -12.15
CA PHE B 182 21.54 -11.96 -12.65
C PHE B 182 22.55 -11.55 -11.58
N ASP B 183 22.07 -11.38 -10.35
CA ASP B 183 22.92 -11.13 -9.19
C ASP B 183 24.04 -10.15 -9.51
N PRO B 184 23.66 -8.91 -9.89
CA PRO B 184 24.67 -7.94 -10.29
C PRO B 184 25.60 -7.55 -9.14
N ASN B 185 26.86 -7.30 -9.49
CA ASN B 185 27.88 -6.88 -8.53
C ASN B 185 27.98 -5.35 -8.42
N VAL B 186 27.46 -4.66 -9.43
CA VAL B 186 27.47 -3.20 -9.50
C VAL B 186 26.08 -2.79 -9.93
N ILE B 187 25.49 -1.84 -9.21
CA ILE B 187 24.10 -1.47 -9.46
C ILE B 187 24.01 0.05 -9.55
N ILE B 188 23.73 0.55 -10.75
CA ILE B 188 23.66 1.98 -11.00
C ILE B 188 22.19 2.39 -10.97
N ASN B 190 18.99 5.35 -10.59
CA ASN B 190 18.51 6.72 -10.75
C ASN B 190 17.69 7.13 -9.54
N THR B 191 18.29 7.92 -8.64
CA THR B 191 17.72 8.13 -7.31
C THR B 191 17.28 9.57 -7.02
N GLY B 192 17.08 10.35 -8.07
CA GLY B 192 16.70 11.75 -7.93
C GLY B 192 15.25 11.99 -7.55
N TYR B 193 14.44 10.93 -7.52
CA TYR B 193 13.07 11.03 -7.02
C TYR B 193 12.33 12.15 -7.77
N ALA B 194 12.27 12.03 -9.09
CA ALA B 194 11.57 12.99 -9.92
C ALA B 194 10.08 12.95 -9.60
N GLN B 195 9.48 14.12 -9.45
CA GLN B 195 8.09 14.20 -9.03
C GLN B 195 7.23 15.05 -9.95
N ILE B 196 5.94 14.71 -9.96
CA ILE B 196 4.94 15.37 -10.80
C ILE B 196 4.02 16.18 -9.88
N LEU B 197 3.64 17.37 -10.31
CA LEU B 197 2.72 18.16 -9.50
C LEU B 197 1.41 17.40 -9.31
N GLY B 198 0.93 17.36 -8.07
CA GLY B 198 -0.33 16.70 -7.77
C GLY B 198 -0.27 15.19 -7.53
N PHE B 199 0.94 14.62 -7.54
CA PHE B 199 1.12 13.20 -7.26
C PHE B 199 2.14 13.03 -6.16
N GLU B 200 1.93 12.08 -5.25
CA GLU B 200 2.77 12.04 -4.04
CA GLU B 200 2.73 11.97 -4.02
C GLU B 200 4.06 11.23 -4.14
N ASP B 201 4.10 10.24 -5.02
CA ASP B 201 5.28 9.38 -5.13
C ASP B 201 6.22 9.86 -6.24
N SER B 202 6.91 8.96 -6.93
CA SER B 202 7.90 9.37 -7.92
C SER B 202 7.81 8.53 -9.19
N ILE B 203 8.32 9.05 -10.29
CA ILE B 203 8.47 8.28 -11.53
C ILE B 203 9.78 7.50 -11.60
N ILE B 204 10.68 7.75 -10.64
CA ILE B 204 11.92 6.98 -10.54
C ILE B 204 12.14 6.59 -9.08
N GLY B 206 14.33 6.74 -5.19
CA GLY B 206 14.84 7.70 -4.21
C GLY B 206 15.54 6.97 -3.09
N THR B 207 15.65 7.64 -1.94
CA THR B 207 16.40 7.05 -0.83
C THR B 207 15.82 5.72 -0.31
N LYS B 208 14.49 5.59 -0.32
CA LYS B 208 13.91 4.33 0.14
C LYS B 208 14.46 3.17 -0.68
N ASP B 209 14.60 3.38 -1.99
CA ASP B 209 15.09 2.32 -2.87
C ASP B 209 16.55 2.01 -2.62
N ILE B 210 17.33 3.04 -2.29
CA ILE B 210 18.73 2.82 -1.94
C ILE B 210 18.84 1.92 -0.71
N GLY B 211 18.09 2.26 0.33
CA GLY B 211 18.06 1.43 1.53
C GLY B 211 17.67 0.00 1.21
N ARG B 212 16.63 -0.17 0.38
CA ARG B 212 16.16 -1.50 0.03
C ARG B 212 17.20 -2.28 -0.78
N VAL B 214 20.44 -2.04 -0.62
CA VAL B 214 21.51 -2.48 0.26
C VAL B 214 21.11 -3.74 1.03
N VAL B 215 19.82 -3.83 1.40
CA VAL B 215 19.31 -5.05 2.02
C VAL B 215 19.29 -6.22 1.04
N ARG B 216 18.82 -5.97 -0.19
CA ARG B 216 18.66 -7.06 -1.16
C ARG B 216 20.02 -7.58 -1.66
N LYS B 217 20.96 -6.66 -1.85
CA LYS B 217 22.27 -6.99 -2.42
C LYS B 217 23.38 -6.37 -1.58
N PRO B 218 23.64 -6.92 -0.39
CA PRO B 218 24.61 -6.35 0.54
C PRO B 218 26.05 -6.33 0.06
N GLU B 219 26.38 -7.15 -0.95
CA GLU B 219 27.74 -7.22 -1.47
C GLU B 219 27.94 -6.37 -2.73
N ALA B 220 26.86 -5.79 -3.24
CA ALA B 220 26.96 -5.00 -4.47
C ALA B 220 27.50 -3.60 -4.22
N LYS B 221 28.24 -3.09 -5.20
CA LYS B 221 28.64 -1.69 -5.21
C LYS B 221 27.50 -0.91 -5.86
N ILE B 222 26.81 -0.08 -5.07
CA ILE B 222 25.71 0.73 -5.56
C ILE B 222 26.23 2.11 -5.95
N ILE B 223 25.76 2.62 -7.09
CA ILE B 223 26.15 3.96 -7.55
C ILE B 223 24.87 4.73 -7.82
N ALA B 224 24.68 5.83 -7.10
CA ALA B 224 23.47 6.62 -7.21
C ALA B 224 23.68 7.84 -8.10
N VAL B 225 22.84 7.98 -9.12
CA VAL B 225 22.95 9.06 -10.09
C VAL B 225 21.58 9.69 -10.40
N HIS B 226 21.50 10.47 -11.48
CA HIS B 226 20.25 11.13 -11.90
C HIS B 226 19.84 12.24 -10.92
N ASP B 228 20.59 16.44 -9.27
CA ASP B 228 21.16 17.78 -9.32
C ASP B 228 21.28 18.32 -10.75
N THR B 229 20.42 17.88 -11.65
CA THR B 229 20.50 18.31 -13.05
C THR B 229 19.16 18.76 -13.64
N VAL B 230 18.16 17.87 -13.62
CA VAL B 230 16.85 18.25 -14.12
C VAL B 230 16.06 18.93 -13.01
N ASN B 231 14.95 19.56 -13.36
CA ASN B 231 14.26 20.41 -12.40
C ASN B 231 13.46 19.64 -11.36
N HIS B 232 12.93 18.50 -11.76
CA HIS B 232 11.91 17.83 -10.96
C HIS B 232 12.42 16.72 -10.03
N THR B 233 13.73 16.52 -10.00
CA THR B 233 14.31 15.52 -9.09
C THR B 233 14.38 16.11 -7.69
N ALA B 234 13.48 15.66 -6.82
CA ALA B 234 13.28 16.26 -5.50
C ALA B 234 14.26 15.76 -4.46
N THR B 235 15.05 14.75 -4.84
CA THR B 235 16.11 14.21 -3.98
C THR B 235 17.47 14.53 -4.57
N SER B 236 18.27 15.28 -3.80
CA SER B 236 19.58 15.72 -4.26
C SER B 236 20.70 14.79 -3.78
N ARG B 237 21.91 14.98 -4.33
CA ARG B 237 23.06 14.26 -3.79
C ARG B 237 23.25 14.51 -2.29
N LYS B 238 23.11 15.77 -1.86
CA LYS B 238 23.21 16.10 -0.43
C LYS B 238 22.19 15.27 0.39
N ASP B 239 20.96 15.15 -0.11
CA ASP B 239 19.93 14.34 0.55
C ASP B 239 20.35 12.87 0.67
N VAL B 240 20.90 12.32 -0.42
CA VAL B 240 21.30 10.93 -0.40
C VAL B 240 22.46 10.73 0.57
N ARG B 241 23.40 11.66 0.57
CA ARG B 241 24.54 11.54 1.48
C ARG B 241 24.10 11.56 2.94
N LYS B 242 23.14 12.42 3.28
CA LYS B 242 22.62 12.43 4.65
C LYS B 242 21.98 11.10 5.00
N PHE B 243 21.21 10.56 4.06
CA PHE B 243 20.51 9.31 4.28
C PHE B 243 21.45 8.13 4.48
N ILE B 244 22.45 7.99 3.62
CA ILE B 244 23.33 6.84 3.75
C ILE B 244 24.24 6.94 4.99
N LYS B 245 24.58 8.17 5.37
CA LYS B 245 25.35 8.37 6.60
C LYS B 245 24.50 7.99 7.81
N GLY B 246 23.27 8.50 7.86
CA GLY B 246 22.37 8.23 8.98
C GLY B 246 22.06 6.76 9.17
N ASN B 247 22.05 6.02 8.06
CA ASN B 247 21.79 4.59 8.11
C ASN B 247 23.03 3.72 8.13
N ASN B 248 24.20 4.36 8.19
CA ASN B 248 25.47 3.64 8.29
C ASN B 248 25.72 2.70 7.12
N ILE B 249 25.34 3.14 5.93
CA ILE B 249 25.51 2.31 4.73
C ILE B 249 26.39 2.99 3.68
N GLU B 250 27.22 3.94 4.09
CA GLU B 250 28.08 4.66 3.15
C GLU B 250 28.99 3.73 2.38
N SER B 251 29.43 2.66 3.02
CA SER B 251 30.38 1.75 2.40
C SER B 251 29.76 1.03 1.20
N HIS B 252 28.44 1.02 1.14
CA HIS B 252 27.71 0.32 0.07
C HIS B 252 27.35 1.22 -1.10
N VAL B 253 27.29 2.53 -0.87
CA VAL B 253 26.66 3.45 -1.81
C VAL B 253 27.57 4.60 -2.18
N ALA B 254 27.92 4.67 -3.47
CA ALA B 254 28.69 5.79 -4.00
C ALA B 254 27.74 6.84 -4.55
N VAL B 255 28.08 8.11 -4.31
CA VAL B 255 27.31 9.21 -4.83
C VAL B 255 28.28 10.11 -5.59
N PRO B 256 28.62 9.72 -6.83
CA PRO B 256 29.68 10.45 -7.52
C PRO B 256 29.29 11.87 -7.90
N GLU B 257 30.26 12.78 -7.77
CA GLU B 257 30.12 14.12 -8.32
C GLU B 257 30.23 14.03 -9.83
N ASP B 258 29.71 15.04 -10.54
CA ASP B 258 29.76 15.04 -12.00
C ASP B 258 31.22 14.94 -12.46
N GLY B 259 31.51 14.01 -13.35
CA GLY B 259 32.85 13.80 -13.85
C GLY B 259 33.66 12.74 -13.12
N GLU B 260 33.19 12.32 -11.94
CA GLU B 260 33.97 11.42 -11.09
C GLU B 260 33.93 9.97 -11.57
N THR B 261 35.07 9.28 -11.44
CA THR B 261 35.18 7.89 -11.87
C THR B 261 35.24 6.93 -10.70
N ILE B 262 34.46 5.85 -10.81
CA ILE B 262 34.48 4.80 -9.81
C ILE B 262 35.04 3.54 -10.45
N THR B 263 36.14 3.05 -9.90
CA THR B 263 36.74 1.82 -10.40
C THR B 263 35.91 0.64 -9.93
N LEU B 264 35.66 -0.30 -10.83
CA LEU B 264 34.76 -1.41 -10.54
C LEU B 264 35.48 -2.74 -10.37
N ALA C 3 -15.78 -19.02 -38.45
CA ALA C 3 -15.92 -17.78 -39.20
C ALA C 3 -16.29 -16.60 -38.30
N THR C 5 -16.43 -14.22 -35.18
CA THR C 5 -15.50 -13.82 -34.13
C THR C 5 -16.09 -14.11 -32.75
N GLN C 6 -15.36 -14.87 -31.95
CA GLN C 6 -15.94 -15.43 -30.73
C GLN C 6 -14.86 -16.00 -29.82
N TYR C 7 -15.23 -16.21 -28.56
CA TYR C 7 -14.35 -16.88 -27.63
C TYR C 7 -15.10 -18.06 -27.05
N THR C 8 -14.54 -19.25 -27.21
CA THR C 8 -15.10 -20.43 -26.59
C THR C 8 -14.23 -20.80 -25.40
N HIS C 9 -14.82 -20.75 -24.21
CA HIS C 9 -14.06 -21.15 -23.03
C HIS C 9 -14.01 -22.67 -22.95
N ILE C 10 -12.85 -23.21 -22.59
CA ILE C 10 -12.71 -24.66 -22.47
C ILE C 10 -12.65 -25.08 -21.00
N ARG C 11 -11.58 -24.71 -20.30
CA ARG C 11 -11.42 -25.08 -18.90
C ARG C 11 -10.20 -24.34 -18.35
N ASN C 12 -10.32 -23.82 -17.12
CA ASN C 12 -9.29 -22.98 -16.50
C ASN C 12 -8.97 -21.76 -17.38
N ALA C 13 -7.75 -21.67 -17.89
CA ALA C 13 -7.39 -20.59 -18.82
C ALA C 13 -7.34 -21.05 -20.27
N THR C 14 -7.75 -22.28 -20.52
CA THR C 14 -7.74 -22.81 -21.87
C THR C 14 -8.99 -22.35 -22.59
N GLY C 15 -8.81 -21.79 -23.79
CA GLY C 15 -9.95 -21.36 -24.58
C GLY C 15 -9.60 -21.33 -26.05
N LYS C 16 -10.60 -21.10 -26.89
CA LYS C 16 -10.39 -20.97 -28.33
C LYS C 16 -10.89 -19.60 -28.78
N LEU C 17 -9.97 -18.77 -29.22
CA LEU C 17 -10.31 -17.42 -29.68
C LEU C 17 -10.34 -17.41 -31.20
N THR C 18 -11.51 -17.16 -31.78
CA THR C 18 -11.63 -17.01 -33.22
C THR C 18 -11.75 -15.54 -33.58
N ILE C 19 -10.85 -15.08 -34.44
CA ILE C 19 -10.87 -13.71 -34.92
C ILE C 19 -10.43 -13.70 -36.38
N LYS C 20 -11.23 -13.03 -37.21
CA LYS C 20 -10.95 -12.97 -38.64
C LYS C 20 -10.66 -14.36 -39.20
N ASN C 21 -11.54 -15.30 -38.92
CA ASN C 21 -11.43 -16.66 -39.48
C ASN C 21 -10.21 -17.45 -39.03
N THR C 22 -9.50 -16.97 -38.01
CA THR C 22 -8.37 -17.70 -37.47
C THR C 22 -8.71 -18.09 -36.04
N THR C 23 -8.44 -19.34 -35.67
CA THR C 23 -8.72 -19.78 -34.31
C THR C 23 -7.43 -20.13 -33.58
N PHE C 24 -7.21 -19.45 -32.46
CA PHE C 24 -6.08 -19.69 -31.58
C PHE C 24 -6.51 -20.53 -30.39
N LEU C 25 -5.81 -21.62 -30.15
CA LEU C 25 -5.97 -22.37 -28.91
C LEU C 25 -5.05 -21.73 -27.88
N ILE C 26 -5.65 -21.26 -26.79
CA ILE C 26 -4.91 -20.52 -25.76
C ILE C 26 -4.64 -21.41 -24.55
N ASP C 27 -3.39 -21.43 -24.13
CA ASP C 27 -2.98 -22.03 -22.86
C ASP C 27 -3.60 -23.40 -22.57
N PRO C 28 -3.33 -24.38 -23.45
CA PRO C 28 -3.97 -25.68 -23.31
C PRO C 28 -3.44 -26.56 -22.16
N PHE C 29 -4.33 -26.82 -21.20
CA PHE C 29 -4.09 -27.70 -20.06
C PHE C 29 -5.19 -28.74 -20.21
N LEU C 30 -4.85 -29.92 -20.74
CA LEU C 30 -5.88 -30.81 -21.29
C LEU C 30 -6.05 -32.15 -20.56
N ALA C 31 -5.37 -32.33 -19.43
CA ALA C 31 -5.40 -33.61 -18.72
C ALA C 31 -6.81 -33.99 -18.26
N PRO C 32 -7.10 -35.31 -18.17
CA PRO C 32 -8.36 -35.71 -17.56
C PRO C 32 -8.45 -35.29 -16.09
N LYS C 33 -9.67 -35.28 -15.55
CA LYS C 33 -9.90 -34.97 -14.14
C LYS C 33 -8.96 -35.73 -13.20
N ASP C 34 -8.41 -35.02 -12.24
CA ASP C 34 -7.66 -35.60 -11.13
C ASP C 34 -6.33 -36.27 -11.53
N THR C 35 -5.84 -35.94 -12.71
CA THR C 35 -4.56 -36.47 -13.18
C THR C 35 -3.40 -36.14 -12.24
N TYR C 36 -3.44 -34.93 -11.67
CA TYR C 36 -2.35 -34.44 -10.85
C TYR C 36 -2.73 -34.17 -9.41
N PRO C 37 -1.77 -34.30 -8.49
CA PRO C 37 -2.01 -33.80 -7.13
C PRO C 37 -1.99 -32.27 -7.16
N GLY C 38 -2.56 -31.64 -6.15
CA GLY C 38 -2.53 -30.19 -6.07
C GLY C 38 -1.13 -29.62 -6.10
N PHE C 39 -0.97 -28.39 -6.57
CA PHE C 39 0.35 -27.75 -6.57
C PHE C 39 0.90 -27.72 -5.14
N GLU C 40 2.12 -28.21 -4.99
CA GLU C 40 2.79 -28.24 -3.70
C GLU C 40 2.91 -26.85 -3.09
N GLY C 41 2.63 -26.74 -1.80
CA GLY C 41 2.79 -25.49 -1.07
C GLY C 41 1.77 -24.42 -1.37
N THR C 42 0.65 -24.80 -1.99
CA THR C 42 -0.36 -23.82 -2.38
C THR C 42 -1.68 -24.03 -1.63
N PHE C 43 -2.53 -23.02 -1.69
CA PHE C 43 -3.87 -23.11 -1.13
C PHE C 43 -4.58 -24.41 -1.56
N ASN C 44 -5.15 -25.12 -0.58
CA ASN C 44 -5.91 -26.33 -0.87
C ASN C 44 -5.09 -27.35 -1.67
N TYR C 45 -3.83 -27.56 -1.29
CA TYR C 45 -2.95 -28.46 -2.05
C TYR C 45 -3.42 -29.91 -2.03
N GLN C 46 -4.26 -30.26 -1.07
CA GLN C 46 -4.74 -31.63 -0.95
C GLN C 46 -5.62 -32.03 -2.11
N GLN C 47 -6.23 -31.04 -2.76
CA GLN C 47 -7.17 -31.28 -3.85
CA GLN C 47 -7.16 -31.30 -3.85
C GLN C 47 -6.46 -31.59 -5.17
N ARG C 48 -6.84 -32.70 -5.81
CA ARG C 48 -6.26 -33.06 -7.10
C ARG C 48 -6.80 -32.18 -8.21
N PRO C 50 -6.83 -31.52 -12.86
CA PRO C 50 -7.95 -30.59 -12.86
C PRO C 50 -9.16 -31.15 -12.12
N VAL C 52 -12.37 -30.82 -12.80
CA VAL C 52 -13.47 -31.23 -13.66
C VAL C 52 -12.94 -31.70 -15.01
N ASP C 53 -13.75 -32.45 -15.74
CA ASP C 53 -13.35 -32.95 -17.05
C ASP C 53 -13.59 -31.91 -18.14
N LEU C 54 -12.90 -32.09 -19.26
CA LEU C 54 -13.12 -31.27 -20.44
C LEU C 54 -14.54 -31.46 -20.95
N PRO C 55 -15.16 -30.38 -21.42
CA PRO C 55 -16.52 -30.37 -21.96
C PRO C 55 -16.58 -30.86 -23.41
N LEU C 56 -15.42 -31.03 -24.03
CA LEU C 56 -15.30 -31.33 -25.45
C LEU C 56 -14.38 -32.53 -25.63
N SER C 57 -14.61 -33.31 -26.69
CA SER C 57 -13.65 -34.33 -27.08
C SER C 57 -12.39 -33.67 -27.64
N ASP C 59 -10.82 -34.28 -30.41
CA ASP C 59 -10.91 -33.95 -31.83
C ASP C 59 -11.74 -32.68 -32.03
N ASP C 60 -12.78 -32.49 -31.22
CA ASP C 60 -13.60 -31.29 -31.34
C ASP C 60 -12.79 -30.07 -30.90
N LEU C 61 -12.08 -30.23 -29.80
CA LEU C 61 -11.22 -29.16 -29.28
C LEU C 61 -10.24 -28.68 -30.34
N LEU C 62 -9.58 -29.62 -31.02
CA LEU C 62 -8.53 -29.26 -31.97
C LEU C 62 -9.02 -28.96 -33.38
N SER C 63 -10.27 -29.30 -33.66
CA SER C 63 -10.77 -29.35 -35.04
C SER C 63 -10.41 -28.16 -35.93
N ASN C 64 -10.72 -26.96 -35.47
CA ASN C 64 -10.56 -25.74 -36.28
C ASN C 64 -9.35 -24.91 -35.85
N VAL C 65 -8.44 -25.50 -35.09
CA VAL C 65 -7.32 -24.73 -34.54
C VAL C 65 -6.25 -24.42 -35.57
N THR C 66 -5.95 -23.12 -35.71
CA THR C 66 -4.99 -22.60 -36.69
C THR C 66 -3.60 -22.33 -36.06
N ALA C 67 -3.59 -22.03 -34.78
CA ALA C 67 -2.35 -21.73 -34.08
C ALA C 67 -2.58 -21.87 -32.59
N VAL C 68 -1.50 -21.94 -31.83
CA VAL C 68 -1.58 -22.05 -30.37
C VAL C 68 -0.86 -20.86 -29.75
N VAL C 69 -1.43 -20.32 -28.67
CA VAL C 69 -0.78 -19.26 -27.90
C VAL C 69 -0.53 -19.81 -26.52
N VAL C 70 0.74 -19.82 -26.12
CA VAL C 70 1.14 -20.32 -24.80
C VAL C 70 1.78 -19.16 -24.04
N THR C 71 1.03 -18.61 -23.07
CA THR C 71 1.51 -17.40 -22.39
C THR C 71 2.69 -17.67 -21.45
N HIS C 72 2.76 -18.90 -20.97
CA HIS C 72 3.86 -19.38 -20.16
C HIS C 72 3.66 -20.87 -19.96
N THR C 73 4.65 -21.55 -19.42
CA THR C 73 4.63 -23.01 -19.42
C THR C 73 4.38 -23.63 -18.05
N HIS C 74 3.71 -22.90 -17.17
CA HIS C 74 3.16 -23.53 -15.97
C HIS C 74 2.23 -24.64 -16.40
N LEU C 75 2.17 -25.71 -15.60
CA LEU C 75 1.41 -26.90 -15.93
C LEU C 75 -0.04 -26.58 -16.29
N ASP C 76 -0.65 -25.64 -15.58
CA ASP C 76 -2.06 -25.32 -15.82
C ASP C 76 -2.31 -24.47 -17.07
N HIS C 77 -1.26 -24.26 -17.88
CA HIS C 77 -1.35 -23.57 -19.17
C HIS C 77 -0.73 -24.36 -20.31
N TRP C 78 -0.09 -25.48 -19.98
CA TRP C 78 0.67 -26.25 -20.95
C TRP C 78 1.04 -27.56 -20.29
N ASP C 79 0.35 -28.64 -20.64
CA ASP C 79 0.61 -29.92 -19.96
C ASP C 79 0.95 -31.06 -20.92
N ASP C 80 1.31 -32.21 -20.35
CA ASP C 80 1.71 -33.36 -21.15
C ASP C 80 0.61 -33.80 -22.12
N THR C 81 -0.64 -33.75 -21.70
CA THR C 81 -1.73 -34.11 -22.59
C THR C 81 -1.75 -33.20 -23.82
N ALA C 82 -1.56 -31.91 -23.62
CA ALA C 82 -1.52 -30.96 -24.72
C ALA C 82 -0.33 -31.26 -25.62
N ILE C 83 0.83 -31.46 -24.99
CA ILE C 83 2.06 -31.74 -25.71
C ILE C 83 1.87 -32.94 -26.64
N ASN C 84 1.14 -33.94 -26.15
CA ASN C 84 1.04 -35.19 -26.88
C ASN C 84 -0.10 -35.25 -27.89
N SER C 85 -0.96 -34.22 -27.88
CA SER C 85 -2.15 -34.22 -28.74
C SER C 85 -2.13 -33.14 -29.82
N ILE C 86 -1.56 -31.99 -29.52
CA ILE C 86 -1.55 -30.89 -30.48
C ILE C 86 -0.61 -31.20 -31.65
N PRO C 87 -1.09 -31.06 -32.90
CA PRO C 87 -0.22 -31.32 -34.06
C PRO C 87 1.09 -30.54 -33.95
N LYS C 88 2.20 -31.23 -34.16
CA LYS C 88 3.53 -30.64 -33.96
C LYS C 88 3.85 -29.53 -34.96
N SER C 89 3.06 -29.44 -36.02
CA SER C 89 3.30 -28.48 -37.08
C SER C 89 2.60 -27.15 -36.88
N LEU C 90 1.73 -27.05 -35.89
CA LEU C 90 1.00 -25.80 -35.67
C LEU C 90 1.93 -24.71 -35.14
N PRO C 91 1.76 -23.49 -35.63
CA PRO C 91 2.52 -22.39 -35.05
C PRO C 91 2.19 -22.26 -33.56
N ILE C 92 3.22 -22.20 -32.72
CA ILE C 92 3.05 -21.96 -31.31
C ILE C 92 3.69 -20.63 -30.95
N PHE C 93 2.88 -19.69 -30.48
CA PHE C 93 3.37 -18.37 -30.09
C PHE C 93 3.73 -18.38 -28.60
N VAL C 94 4.94 -17.93 -28.28
CA VAL C 94 5.46 -17.99 -26.91
C VAL C 94 6.10 -16.66 -26.49
N GLN C 95 6.46 -16.54 -25.22
CA GLN C 95 6.89 -15.23 -24.71
C GLN C 95 8.38 -14.96 -24.80
N ASN C 96 9.21 -16.00 -24.85
CA ASN C 96 10.65 -15.81 -24.76
C ASN C 96 11.44 -17.02 -25.25
N THR C 97 12.76 -16.87 -25.26
CA THR C 97 13.62 -17.94 -25.78
C THR C 97 13.56 -19.21 -24.93
N ALA C 98 13.50 -19.06 -23.61
CA ALA C 98 13.42 -20.23 -22.73
C ALA C 98 12.20 -21.09 -23.07
N ASP C 99 11.06 -20.45 -23.25
CA ASP C 99 9.84 -21.19 -23.54
C ASP C 99 9.90 -21.77 -24.94
N LYS C 100 10.52 -21.05 -25.87
CA LYS C 100 10.69 -21.60 -27.22
C LYS C 100 11.56 -22.84 -27.17
N GLU C 101 12.66 -22.77 -26.43
CA GLU C 101 13.55 -23.93 -26.33
C GLU C 101 12.84 -25.14 -25.72
N LEU C 102 12.06 -24.91 -24.68
CA LEU C 102 11.33 -26.01 -24.05
C LEU C 102 10.34 -26.64 -25.03
N ILE C 103 9.52 -25.79 -25.66
CA ILE C 103 8.48 -26.31 -26.55
C ILE C 103 9.06 -26.95 -27.82
N THR C 104 10.15 -26.38 -28.35
CA THR C 104 10.85 -27.01 -29.46
C THR C 104 11.37 -28.39 -29.07
N SER C 105 11.87 -28.51 -27.84
CA SER C 105 12.40 -29.79 -27.37
C SER C 105 11.30 -30.84 -27.22
N GLN C 106 10.06 -30.36 -27.13
CA GLN C 106 8.91 -31.24 -27.01
C GLN C 106 8.34 -31.63 -28.38
N GLY C 107 9.06 -31.31 -29.45
CA GLY C 107 8.71 -31.77 -30.78
C GLY C 107 8.02 -30.77 -31.69
N PHE C 108 7.73 -29.58 -31.19
CA PHE C 108 7.04 -28.57 -31.99
C PHE C 108 8.05 -27.85 -32.88
N ILE C 109 7.76 -27.77 -34.16
CA ILE C 109 8.75 -27.32 -35.13
C ILE C 109 8.54 -25.90 -35.66
N ASP C 110 7.47 -25.25 -35.24
CA ASP C 110 7.20 -23.88 -35.65
C ASP C 110 6.82 -23.06 -34.42
N VAL C 111 7.81 -22.77 -33.60
CA VAL C 111 7.59 -21.99 -32.38
C VAL C 111 8.07 -20.57 -32.62
N ARG C 112 7.23 -19.60 -32.28
CA ARG C 112 7.50 -18.21 -32.62
C ARG C 112 7.48 -17.32 -31.39
N ILE C 113 8.60 -16.66 -31.11
CA ILE C 113 8.69 -15.77 -29.95
C ILE C 113 8.10 -14.41 -30.28
N ILE C 114 7.18 -13.94 -29.44
CA ILE C 114 6.69 -12.58 -29.61
C ILE C 114 7.58 -11.64 -28.83
N PHE C 115 8.52 -11.00 -29.50
CA PHE C 115 9.39 -10.02 -28.85
C PHE C 115 8.68 -8.69 -28.65
N GLU C 116 8.06 -8.21 -29.71
CA GLU C 116 7.21 -7.01 -29.65
C GLU C 116 5.82 -7.37 -30.15
N SER C 117 5.70 -7.57 -31.45
CA SER C 117 4.47 -8.08 -32.04
C SER C 117 4.82 -9.01 -33.18
N LEU C 118 3.88 -9.88 -33.53
CA LEU C 118 4.00 -10.69 -34.73
C LEU C 118 2.69 -10.63 -35.50
N GLU C 119 2.75 -10.89 -36.80
CA GLU C 119 1.55 -10.93 -37.62
CA GLU C 119 1.54 -10.94 -37.61
C GLU C 119 1.25 -12.37 -38.02
N PHE C 120 -0.03 -12.70 -38.05
CA PHE C 120 -0.46 -14.05 -38.43
C PHE C 120 -1.82 -13.98 -39.09
N ASN C 121 -1.87 -14.28 -40.39
CA ASN C 121 -3.13 -14.26 -41.15
C ASN C 121 -3.91 -12.96 -40.98
N GLY C 122 -3.21 -11.83 -40.97
CA GLY C 122 -3.85 -10.53 -40.87
C GLY C 122 -4.13 -10.10 -39.44
N ILE C 123 -3.82 -10.97 -38.48
CA ILE C 123 -3.98 -10.64 -37.07
C ILE C 123 -2.64 -10.24 -36.46
N THR C 124 -2.64 -9.13 -35.73
CA THR C 124 -1.45 -8.70 -35.02
C THR C 124 -1.52 -9.17 -33.57
N LEU C 125 -0.45 -9.84 -33.13
CA LEU C 125 -0.34 -10.31 -31.75
C LEU C 125 0.76 -9.50 -31.09
N ARG C 126 0.38 -8.75 -30.04
CA ARG C 126 1.33 -7.88 -29.33
C ARG C 126 1.54 -8.43 -27.93
N LYS C 127 2.79 -8.61 -27.52
CA LYS C 127 3.05 -9.08 -26.17
C LYS C 127 2.81 -7.97 -25.14
N THR C 128 2.15 -8.32 -24.06
CA THR C 128 1.98 -7.40 -22.94
C THR C 128 2.73 -7.92 -21.74
N GLY C 129 3.10 -7.01 -20.84
CA GLY C 129 3.85 -7.37 -19.64
C GLY C 129 2.97 -7.92 -18.53
N GLY C 130 3.61 -8.47 -17.52
CA GLY C 130 2.89 -8.94 -16.36
C GLY C 130 3.83 -9.35 -15.24
N SER C 131 3.29 -9.34 -14.03
CA SER C 131 4.00 -9.90 -12.89
CA SER C 131 3.99 -9.88 -12.87
C SER C 131 3.11 -10.93 -12.21
N HIS C 132 3.57 -12.17 -12.17
CA HIS C 132 2.80 -13.31 -11.67
C HIS C 132 2.92 -13.39 -10.15
N GLY C 133 2.63 -12.27 -9.49
CA GLY C 133 2.79 -12.15 -8.06
C GLY C 133 3.10 -10.71 -7.72
N THR C 134 3.02 -10.39 -6.43
CA THR C 134 3.30 -9.03 -5.97
C THR C 134 4.80 -8.79 -5.91
N VAL C 135 5.19 -7.53 -5.73
CA VAL C 135 6.61 -7.22 -5.65
C VAL C 135 7.25 -7.96 -4.48
N GLU C 136 6.54 -8.00 -3.35
CA GLU C 136 7.02 -8.71 -2.18
C GLU C 136 7.27 -10.20 -2.47
N TYR C 138 8.09 -11.48 -5.38
CA TYR C 138 9.28 -11.61 -6.22
C TYR C 138 10.57 -11.32 -5.46
N ALA C 139 10.46 -10.69 -4.30
CA ALA C 139 11.60 -10.52 -3.41
C ALA C 139 11.94 -11.81 -2.68
N ASN C 140 11.02 -12.77 -2.72
CA ASN C 140 11.21 -14.05 -2.05
C ASN C 140 11.89 -15.04 -2.99
N PRO C 141 13.08 -15.53 -2.60
CA PRO C 141 13.87 -16.36 -3.53
C PRO C 141 13.30 -17.77 -3.74
N VAL C 142 12.39 -18.20 -2.88
CA VAL C 142 11.70 -19.48 -3.10
C VAL C 142 10.55 -19.32 -4.09
N LEU C 143 9.70 -18.32 -3.85
CA LEU C 143 8.56 -18.07 -4.73
C LEU C 143 8.93 -17.55 -6.11
N ALA C 144 9.90 -16.63 -6.18
CA ALA C 144 10.16 -15.95 -7.43
C ALA C 144 10.40 -16.87 -8.63
N PRO C 145 11.31 -17.84 -8.50
CA PRO C 145 11.56 -18.69 -9.68
C PRO C 145 10.36 -19.55 -10.04
N LEU C 146 9.54 -19.88 -9.06
CA LEU C 146 8.33 -20.67 -9.33
C LEU C 146 7.26 -19.86 -10.07
N ALA C 147 7.20 -18.56 -9.80
CA ALA C 147 6.25 -17.68 -10.46
C ALA C 147 6.67 -17.36 -11.91
N GLY C 148 7.92 -16.93 -12.08
CA GLY C 148 8.49 -16.77 -13.40
C GLY C 148 7.88 -15.63 -14.20
N ASP C 149 8.03 -15.70 -15.52
CA ASP C 149 7.47 -14.72 -16.42
C ASP C 149 6.20 -15.27 -17.03
N ALA C 150 5.23 -14.40 -17.28
CA ALA C 150 4.02 -14.80 -18.00
C ALA C 150 3.42 -13.62 -18.73
N GLY C 152 0.82 -11.39 -21.33
CA GLY C 152 -0.50 -11.28 -21.93
C GLY C 152 -0.33 -11.05 -23.42
N VAL C 153 -1.43 -11.03 -24.15
CA VAL C 153 -1.39 -10.82 -25.59
C VAL C 153 -2.55 -9.92 -26.00
N ILE C 154 -2.23 -8.92 -26.83
CA ILE C 154 -3.25 -8.09 -27.48
C ILE C 154 -3.43 -8.61 -28.90
N PHE C 155 -4.67 -8.94 -29.27
CA PHE C 155 -4.98 -9.41 -30.62
C PHE C 155 -5.71 -8.29 -31.36
N GLU C 156 -5.18 -7.87 -32.51
CA GLU C 156 -5.82 -6.83 -33.32
C GLU C 156 -5.99 -7.29 -34.76
N ALA C 157 -7.11 -6.92 -35.37
CA ALA C 157 -7.34 -7.19 -36.78
C ALA C 157 -8.34 -6.20 -37.37
N ALA C 158 -8.30 -6.03 -38.68
CA ALA C 158 -9.17 -5.09 -39.36
C ALA C 158 -10.64 -5.43 -39.15
N ASP C 159 -11.40 -4.46 -38.66
CA ASP C 159 -12.84 -4.61 -38.47
C ASP C 159 -13.18 -5.65 -37.43
N GLU C 160 -12.25 -5.89 -36.51
CA GLU C 160 -12.45 -6.85 -35.43
C GLU C 160 -12.26 -6.17 -34.09
N PRO C 161 -12.97 -6.65 -33.06
CA PRO C 161 -12.66 -6.13 -31.72
C PRO C 161 -11.22 -6.43 -31.36
N THR C 162 -10.58 -5.50 -30.67
CA THR C 162 -9.26 -5.76 -30.12
C THR C 162 -9.45 -6.54 -28.84
N VAL C 163 -8.70 -7.63 -28.70
CA VAL C 163 -8.87 -8.56 -27.59
C VAL C 163 -7.63 -8.58 -26.70
N TYR C 164 -7.81 -8.38 -25.41
CA TYR C 164 -6.70 -8.39 -24.47
C TYR C 164 -6.77 -9.65 -23.61
N LEU C 165 -5.86 -10.59 -23.89
CA LEU C 165 -5.66 -11.75 -23.05
C LEU C 165 -4.67 -11.31 -21.96
N VAL C 166 -5.19 -10.99 -20.78
CA VAL C 166 -4.38 -10.35 -19.75
C VAL C 166 -3.27 -11.28 -19.22
N GLY C 167 -3.60 -12.55 -19.02
CA GLY C 167 -2.64 -13.54 -18.56
C GLY C 167 -2.50 -13.64 -17.05
N ASP C 168 -1.56 -14.49 -16.62
CA ASP C 168 -1.28 -14.70 -15.20
C ASP C 168 -0.42 -13.56 -14.67
N THR C 169 -1.09 -12.44 -14.36
CA THR C 169 -0.45 -11.28 -13.77
C THR C 169 -1.38 -10.68 -12.74
N VAL C 170 -0.79 -10.02 -11.74
CA VAL C 170 -1.55 -9.14 -10.87
C VAL C 170 -1.69 -7.77 -11.56
N TRP C 171 -2.41 -6.85 -10.95
CA TRP C 171 -2.61 -5.55 -11.59
C TRP C 171 -1.34 -4.70 -11.44
N THR C 172 -0.65 -4.49 -12.56
CA THR C 172 0.58 -3.68 -12.57
C THR C 172 0.49 -2.57 -13.61
N SER C 173 1.51 -1.73 -13.69
CA SER C 173 1.52 -0.70 -14.72
C SER C 173 1.54 -1.28 -16.12
N ASP C 174 1.96 -2.54 -16.27
CA ASP C 174 1.95 -3.16 -17.59
C ASP C 174 0.51 -3.38 -18.06
N VAL C 175 -0.38 -3.63 -17.11
CA VAL C 175 -1.81 -3.74 -17.43
C VAL C 175 -2.36 -2.36 -17.83
N GLU C 176 -2.01 -1.33 -17.05
CA GLU C 176 -2.43 0.03 -17.40
C GLU C 176 -1.91 0.45 -18.77
N LYS C 177 -0.66 0.10 -19.06
CA LYS C 177 -0.06 0.43 -20.36
C LYS C 177 -0.85 -0.21 -21.50
N ALA C 178 -1.15 -1.50 -21.38
CA ALA C 178 -1.85 -2.20 -22.45
C ALA C 178 -3.25 -1.63 -22.66
N LEU C 179 -3.93 -1.34 -21.56
CA LEU C 179 -5.29 -0.81 -21.62
C LEU C 179 -5.34 0.53 -22.34
N LEU C 180 -4.42 1.43 -22.01
CA LEU C 180 -4.44 2.77 -22.60
C LEU C 180 -3.95 2.76 -24.04
N ARG C 181 -2.89 1.99 -24.30
CA ARG C 181 -2.28 1.99 -25.62
C ARG C 181 -3.15 1.35 -26.69
N PHE C 182 -3.88 0.31 -26.32
CA PHE C 182 -4.57 -0.52 -27.29
C PHE C 182 -6.08 -0.52 -27.16
N ASP C 183 -6.59 0.07 -26.08
CA ASP C 183 -8.03 0.21 -25.85
C ASP C 183 -8.82 -1.03 -26.24
N PRO C 184 -8.54 -2.17 -25.58
CA PRO C 184 -9.22 -3.41 -25.97
C PRO C 184 -10.73 -3.33 -25.76
N ASN C 185 -11.45 -3.99 -26.67
CA ASN C 185 -12.90 -4.05 -26.63
C ASN C 185 -13.36 -5.31 -25.90
N VAL C 186 -12.47 -6.28 -25.81
CA VAL C 186 -12.74 -7.54 -25.13
C VAL C 186 -11.54 -7.82 -24.23
N ILE C 187 -11.81 -8.15 -22.96
CA ILE C 187 -10.74 -8.31 -21.99
C ILE C 187 -10.94 -9.63 -21.26
N ILE C 188 -10.05 -10.57 -21.49
CA ILE C 188 -10.13 -11.90 -20.90
C ILE C 188 -9.17 -11.94 -19.73
N ASN C 190 -7.77 -13.61 -15.91
CA ASN C 190 -7.65 -14.76 -15.03
C ASN C 190 -7.91 -14.38 -13.59
N THR C 191 -9.11 -14.73 -13.10
CA THR C 191 -9.63 -14.13 -11.87
C THR C 191 -9.83 -15.13 -10.74
N GLY C 192 -9.16 -16.29 -10.82
CA GLY C 192 -9.27 -17.30 -9.78
C GLY C 192 -8.52 -17.04 -8.49
N TYR C 193 -7.74 -15.96 -8.44
CA TYR C 193 -7.09 -15.56 -7.19
C TYR C 193 -6.30 -16.72 -6.56
N ALA C 194 -5.40 -17.29 -7.36
CA ALA C 194 -4.53 -18.36 -6.91
C ALA C 194 -3.65 -17.90 -5.76
N GLN C 195 -3.57 -18.74 -4.73
CA GLN C 195 -2.82 -18.36 -3.53
C GLN C 195 -1.79 -19.40 -3.09
N ILE C 196 -0.77 -18.90 -2.39
CA ILE C 196 0.34 -19.71 -1.90
C ILE C 196 0.24 -19.77 -0.39
N LEU C 197 0.51 -20.92 0.21
CA LEU C 197 0.48 -20.98 1.67
C LEU C 197 1.51 -20.03 2.27
N GLY C 198 1.10 -19.30 3.31
CA GLY C 198 2.01 -18.36 3.97
C GLY C 198 2.07 -16.96 3.38
N PHE C 199 1.30 -16.71 2.33
CA PHE C 199 1.25 -15.40 1.67
C PHE C 199 -0.18 -14.88 1.58
N GLU C 200 -0.36 -13.60 1.87
CA GLU C 200 -1.69 -13.00 1.95
C GLU C 200 -2.39 -12.71 0.61
N ASP C 201 -1.62 -12.33 -0.40
CA ASP C 201 -2.22 -11.85 -1.64
C ASP C 201 -2.33 -12.96 -2.70
N SER C 202 -2.30 -12.61 -3.97
CA SER C 202 -2.45 -13.62 -5.02
C SER C 202 -1.37 -13.48 -6.09
N ILE C 203 -1.15 -14.55 -6.83
CA ILE C 203 -0.23 -14.53 -7.96
C ILE C 203 -0.96 -14.20 -9.26
N ILE C 204 -2.29 -14.11 -9.21
CA ILE C 204 -3.08 -13.63 -10.34
C ILE C 204 -4.13 -12.64 -9.86
N GLY C 206 -8.29 -11.24 -9.05
CA GLY C 206 -9.51 -11.68 -8.40
C GLY C 206 -10.62 -10.68 -8.60
N THR C 207 -11.62 -10.70 -7.70
CA THR C 207 -12.77 -9.81 -7.83
C THR C 207 -12.40 -8.31 -7.78
N LYS C 208 -11.42 -7.93 -6.97
CA LYS C 208 -11.03 -6.52 -6.93
CA LYS C 208 -11.01 -6.52 -6.92
C LYS C 208 -10.64 -6.03 -8.32
N ASP C 209 -9.93 -6.87 -9.06
CA ASP C 209 -9.48 -6.50 -10.39
C ASP C 209 -10.62 -6.40 -11.38
N ILE C 210 -11.62 -7.27 -11.22
CA ILE C 210 -12.79 -7.22 -12.08
C ILE C 210 -13.49 -5.87 -11.90
N GLY C 211 -13.72 -5.49 -10.65
CA GLY C 211 -14.33 -4.21 -10.37
C GLY C 211 -13.52 -3.07 -10.97
N ARG C 212 -12.21 -3.13 -10.82
CA ARG C 212 -11.35 -2.07 -11.32
C ARG C 212 -11.38 -2.02 -12.86
N VAL C 214 -13.88 -2.78 -14.84
CA VAL C 214 -15.13 -2.17 -15.26
C VAL C 214 -15.06 -0.65 -15.14
N VAL C 215 -14.34 -0.16 -14.14
CA VAL C 215 -14.12 1.28 -14.01
C VAL C 215 -13.23 1.79 -15.13
N ARG C 216 -12.12 1.10 -15.39
CA ARG C 216 -11.16 1.54 -16.39
C ARG C 216 -11.70 1.47 -17.81
N LYS C 217 -12.46 0.41 -18.11
CA LYS C 217 -12.95 0.17 -19.45
C LYS C 217 -14.43 -0.20 -19.43
N PRO C 218 -15.28 0.81 -19.19
CA PRO C 218 -16.72 0.57 -19.00
C PRO C 218 -17.47 0.11 -20.25
N GLU C 219 -16.86 0.24 -21.43
CA GLU C 219 -17.49 -0.22 -22.67
C GLU C 219 -16.97 -1.59 -23.11
N ALA C 220 -15.97 -2.10 -22.39
CA ALA C 220 -15.37 -3.37 -22.77
C ALA C 220 -16.19 -4.57 -22.34
N LYS C 221 -16.11 -5.63 -23.12
CA LYS C 221 -16.69 -6.91 -22.74
CA LYS C 221 -16.69 -6.92 -22.75
C LYS C 221 -15.65 -7.67 -21.93
N ILE C 222 -15.90 -7.82 -20.64
CA ILE C 222 -14.97 -8.53 -19.76
C ILE C 222 -15.36 -9.99 -19.65
N ILE C 223 -14.37 -10.87 -19.77
CA ILE C 223 -14.61 -12.31 -19.68
C ILE C 223 -13.70 -12.87 -18.60
N ALA C 224 -14.28 -13.39 -17.52
CA ALA C 224 -13.52 -13.87 -16.39
C ALA C 224 -13.38 -15.39 -16.44
N VAL C 225 -12.13 -15.86 -16.38
CA VAL C 225 -11.78 -17.29 -16.50
C VAL C 225 -10.72 -17.69 -15.47
N HIS C 226 -10.09 -18.86 -15.66
CA HIS C 226 -9.07 -19.39 -14.75
C HIS C 226 -9.67 -19.81 -13.40
N ASP C 228 -12.29 -22.72 -11.01
CA ASP C 228 -12.98 -23.99 -10.78
C ASP C 228 -12.26 -25.20 -11.36
N THR C 229 -10.95 -25.10 -11.52
CA THR C 229 -10.17 -26.16 -12.17
C THR C 229 -8.94 -26.59 -11.38
N VAL C 230 -8.04 -25.65 -11.10
CA VAL C 230 -6.85 -25.96 -10.32
C VAL C 230 -7.13 -25.82 -8.82
N ASN C 231 -6.27 -26.38 -7.99
CA ASN C 231 -6.57 -26.46 -6.57
C ASN C 231 -6.47 -25.14 -5.81
N HIS C 232 -5.60 -24.25 -6.27
CA HIS C 232 -5.19 -23.12 -5.44
C HIS C 232 -5.90 -21.80 -5.79
N THR C 233 -6.83 -21.84 -6.73
CA THR C 233 -7.61 -20.66 -7.05
C THR C 233 -8.70 -20.50 -5.99
N ALA C 234 -8.52 -19.51 -5.11
CA ALA C 234 -9.37 -19.34 -3.96
C ALA C 234 -10.66 -18.59 -4.27
N THR C 235 -10.77 -18.10 -5.49
CA THR C 235 -11.96 -17.41 -5.97
C THR C 235 -12.62 -18.24 -7.08
N SER C 236 -13.86 -18.62 -6.86
CA SER C 236 -14.60 -19.50 -7.78
C SER C 236 -15.55 -18.69 -8.65
N ARG C 237 -16.15 -19.33 -9.64
CA ARG C 237 -17.20 -18.67 -10.42
C ARG C 237 -18.32 -18.19 -9.52
N LYS C 238 -18.70 -19.01 -8.54
CA LYS C 238 -19.74 -18.62 -7.59
C LYS C 238 -19.35 -17.31 -6.91
N ASP C 239 -18.09 -17.24 -6.48
CA ASP C 239 -17.59 -16.04 -5.82
C ASP C 239 -17.71 -14.82 -6.72
N VAL C 240 -17.30 -14.98 -7.98
CA VAL C 240 -17.34 -13.86 -8.91
C VAL C 240 -18.77 -13.43 -9.21
N ARG C 241 -19.65 -14.40 -9.40
CA ARG C 241 -21.05 -14.10 -9.68
C ARG C 241 -21.70 -13.30 -8.55
N LYS C 242 -21.40 -13.66 -7.31
CA LYS C 242 -21.91 -12.91 -6.16
C LYS C 242 -21.40 -11.47 -6.21
N PHE C 243 -20.11 -11.32 -6.51
CA PHE C 243 -19.47 -10.01 -6.55
C PHE C 243 -20.03 -9.10 -7.65
N ILE C 244 -20.22 -9.63 -8.85
CA ILE C 244 -20.70 -8.78 -9.93
C ILE C 244 -22.18 -8.43 -9.74
N LYS C 245 -22.95 -9.36 -9.19
CA LYS C 245 -24.35 -9.09 -8.89
CA LYS C 245 -24.36 -9.10 -8.88
C LYS C 245 -24.47 -8.03 -7.79
N GLY C 246 -23.70 -8.19 -6.72
CA GLY C 246 -23.75 -7.25 -5.61
C GLY C 246 -23.35 -5.83 -6.00
N ASN C 247 -22.53 -5.72 -7.03
CA ASN C 247 -22.07 -4.41 -7.49
C ASN C 247 -22.82 -3.92 -8.73
N ASN C 248 -23.84 -4.67 -9.13
CA ASN C 248 -24.65 -4.34 -10.28
C ASN C 248 -23.84 -4.14 -11.56
N ILE C 249 -22.82 -4.96 -11.76
CA ILE C 249 -21.98 -4.86 -12.96
C ILE C 249 -22.05 -6.13 -13.83
N GLU C 250 -23.12 -6.90 -13.68
CA GLU C 250 -23.28 -8.11 -14.47
C GLU C 250 -23.21 -7.85 -15.98
N SER C 251 -23.68 -6.68 -16.42
CA SER C 251 -23.75 -6.41 -17.86
C SER C 251 -22.35 -6.24 -18.48
N HIS C 252 -21.35 -6.06 -17.63
CA HIS C 252 -19.98 -5.85 -18.07
C HIS C 252 -19.16 -7.12 -18.09
N VAL C 253 -19.55 -8.10 -17.29
CA VAL C 253 -18.68 -9.24 -16.97
C VAL C 253 -19.35 -10.57 -17.28
N ALA C 254 -18.75 -11.32 -18.21
CA ALA C 254 -19.21 -12.67 -18.51
C ALA C 254 -18.37 -13.65 -17.70
N VAL C 255 -19.03 -14.71 -17.23
CA VAL C 255 -18.36 -15.76 -16.47
C VAL C 255 -18.71 -17.07 -17.17
N PRO C 256 -18.03 -17.35 -18.29
CA PRO C 256 -18.49 -18.50 -19.10
C PRO C 256 -18.27 -19.83 -18.41
N GLU C 257 -19.22 -20.75 -18.62
CA GLU C 257 -19.03 -22.12 -18.20
C GLU C 257 -18.03 -22.82 -19.11
N ASP C 258 -17.48 -23.94 -18.66
CA ASP C 258 -16.60 -24.72 -19.53
C ASP C 258 -17.39 -25.16 -20.76
N GLY C 259 -16.85 -24.85 -21.94
CA GLY C 259 -17.49 -25.21 -23.20
C GLY C 259 -18.37 -24.13 -23.78
N GLU C 260 -18.61 -23.07 -23.01
CA GLU C 260 -19.51 -22.00 -23.45
C GLU C 260 -18.84 -21.05 -24.45
N THR C 261 -19.58 -20.69 -25.49
CA THR C 261 -19.08 -19.75 -26.49
C THR C 261 -19.68 -18.37 -26.31
N ILE C 262 -18.83 -17.35 -26.37
CA ILE C 262 -19.26 -15.97 -26.32
C ILE C 262 -18.98 -15.30 -27.67
N THR C 263 -20.04 -14.87 -28.33
CA THR C 263 -19.89 -14.14 -29.58
C THR C 263 -19.38 -12.74 -29.26
N LEU C 264 -18.37 -12.29 -30.02
CA LEU C 264 -17.72 -11.01 -29.75
C LEU C 264 -18.04 -9.97 -30.82
N ALA D 3 -22.74 -19.27 34.14
CA ALA D 3 -21.93 -20.29 34.80
C ALA D 3 -20.52 -20.35 34.20
N THR D 5 -17.41 -20.09 31.52
CA THR D 5 -16.96 -19.09 30.55
C THR D 5 -17.15 -19.59 29.12
N GLN D 6 -17.81 -18.79 28.29
CA GLN D 6 -18.20 -19.25 26.95
C GLN D 6 -18.69 -18.08 26.11
N TYR D 7 -18.75 -18.30 24.79
CA TYR D 7 -19.36 -17.33 23.89
C TYR D 7 -20.48 -18.00 23.12
N THR D 8 -21.69 -17.45 23.24
CA THR D 8 -22.82 -17.95 22.47
C THR D 8 -23.10 -16.96 21.37
N HIS D 9 -22.94 -17.39 20.12
CA HIS D 9 -23.22 -16.47 19.03
C HIS D 9 -24.71 -16.37 18.82
N ILE D 10 -25.18 -15.17 18.51
CA ILE D 10 -26.61 -14.99 18.25
C ILE D 10 -26.90 -14.76 16.77
N ARG D 11 -26.45 -13.63 16.23
CA ARG D 11 -26.68 -13.31 14.83
C ARG D 11 -25.89 -12.05 14.48
N ASN D 12 -25.24 -12.05 13.32
CA ASN D 12 -24.37 -10.96 12.89
C ASN D 12 -23.26 -10.72 13.91
N ALA D 13 -23.22 -9.55 14.54
CA ALA D 13 -22.23 -9.27 15.59
C ALA D 13 -22.83 -9.42 16.99
N THR D 14 -24.09 -9.86 17.05
CA THR D 14 -24.75 -10.01 18.34
C THR D 14 -24.36 -11.33 18.95
N GLY D 15 -23.95 -11.30 20.21
CA GLY D 15 -23.52 -12.50 20.90
C GLY D 15 -23.62 -12.32 22.41
N LYS D 16 -23.45 -13.42 23.13
CA LYS D 16 -23.44 -13.37 24.59
C LYS D 16 -22.12 -13.92 25.12
N LEU D 17 -21.33 -13.06 25.75
CA LEU D 17 -20.08 -13.49 26.34
C LEU D 17 -20.27 -13.68 27.83
N THR D 18 -20.06 -14.89 28.31
CA THR D 18 -20.12 -15.16 29.74
C THR D 18 -18.72 -15.33 30.27
N ILE D 19 -18.37 -14.54 31.28
CA ILE D 19 -17.06 -14.62 31.88
C ILE D 19 -17.20 -14.26 33.36
N LYS D 20 -16.53 -15.03 34.21
CA LYS D 20 -16.65 -14.86 35.65
C LYS D 20 -18.12 -14.72 36.07
N ASN D 21 -18.94 -15.69 35.64
CA ASN D 21 -20.36 -15.74 36.01
C ASN D 21 -21.15 -14.50 35.60
N THR D 22 -20.58 -13.70 34.71
CA THR D 22 -21.23 -12.48 34.24
C THR D 22 -21.44 -12.55 32.73
N THR D 23 -22.66 -12.32 32.30
CA THR D 23 -23.01 -12.43 30.87
C THR D 23 -23.24 -11.07 30.24
N PHE D 24 -22.45 -10.79 29.20
CA PHE D 24 -22.58 -9.55 28.44
C PHE D 24 -23.28 -9.84 27.13
N LEU D 25 -24.36 -9.10 26.87
CA LEU D 25 -24.99 -9.09 25.56
C LEU D 25 -24.29 -8.07 24.69
N ILE D 26 -23.71 -8.51 23.59
CA ILE D 26 -22.88 -7.69 22.73
C ILE D 26 -23.65 -7.25 21.48
N ASP D 27 -23.60 -5.95 21.20
CA ASP D 27 -24.14 -5.36 19.97
C ASP D 27 -25.46 -5.97 19.50
N PRO D 28 -26.52 -5.78 20.30
CA PRO D 28 -27.81 -6.40 19.99
C PRO D 28 -28.56 -5.73 18.84
N PHE D 29 -28.67 -6.46 17.74
CA PHE D 29 -29.47 -6.10 16.58
C PHE D 29 -30.49 -7.23 16.49
N LEU D 30 -31.70 -6.99 16.99
CA LEU D 30 -32.63 -8.09 17.26
C LEU D 30 -33.87 -8.13 16.37
N ALA D 31 -33.90 -7.29 15.34
CA ALA D 31 -35.07 -7.23 14.44
C ALA D 31 -35.42 -8.58 13.82
N PRO D 32 -36.72 -8.81 13.61
CA PRO D 32 -37.15 -9.98 12.84
C PRO D 32 -36.65 -9.90 11.41
N LYS D 33 -36.66 -11.04 10.73
CA LYS D 33 -36.24 -11.13 9.34
C LYS D 33 -36.89 -10.07 8.46
N ASP D 34 -36.07 -9.44 7.63
CA ASP D 34 -36.52 -8.52 6.57
C ASP D 34 -37.21 -7.27 7.09
N THR D 35 -36.91 -6.90 8.33
CA THR D 35 -37.50 -5.70 8.91
C THR D 35 -37.07 -4.45 8.13
N TYR D 36 -35.84 -4.47 7.64
CA TYR D 36 -35.26 -3.29 6.99
C TYR D 36 -34.86 -3.53 5.55
N PRO D 37 -34.88 -2.45 4.75
CA PRO D 37 -34.29 -2.49 3.42
C PRO D 37 -32.77 -2.56 3.58
N GLY D 38 -32.05 -2.98 2.55
CA GLY D 38 -30.60 -3.02 2.63
C GLY D 38 -30.02 -1.64 2.87
N PHE D 39 -28.82 -1.56 3.44
CA PHE D 39 -28.18 -0.26 3.63
C PHE D 39 -28.01 0.45 2.29
N GLU D 40 -28.44 1.70 2.24
CA GLU D 40 -28.35 2.50 1.01
C GLU D 40 -26.90 2.69 0.57
N GLY D 41 -26.66 2.54 -0.73
CA GLY D 41 -25.35 2.82 -1.31
C GLY D 41 -24.32 1.73 -1.06
N THR D 42 -24.77 0.57 -0.59
CA THR D 42 -23.85 -0.50 -0.22
C THR D 42 -23.98 -1.71 -1.16
N PHE D 43 -22.98 -2.58 -1.09
CA PHE D 43 -22.99 -3.85 -1.80
C PHE D 43 -24.32 -4.59 -1.58
N ASN D 44 -24.93 -5.06 -2.67
CA ASN D 44 -26.14 -5.88 -2.58
C ASN D 44 -27.28 -5.14 -1.85
N TYR D 45 -27.40 -3.85 -2.10
CA TYR D 45 -28.33 -3.00 -1.34
C TYR D 45 -29.79 -3.41 -1.49
N GLN D 46 -30.11 -4.13 -2.55
CA GLN D 46 -31.49 -4.55 -2.79
C GLN D 46 -32.00 -5.52 -1.74
N GLN D 47 -31.09 -6.30 -1.15
CA GLN D 47 -31.46 -7.34 -0.22
C GLN D 47 -31.88 -6.76 1.14
N ARG D 48 -33.05 -7.17 1.62
CA ARG D 48 -33.53 -6.70 2.92
C ARG D 48 -32.76 -7.39 4.04
N PRO D 50 -32.58 -8.02 8.65
CA PRO D 50 -31.64 -9.14 8.61
C PRO D 50 -32.21 -10.27 7.75
N VAL D 52 -32.07 -13.53 8.11
CA VAL D 52 -32.62 -14.64 8.86
C VAL D 52 -33.17 -14.16 10.20
N ASP D 53 -34.09 -14.93 10.76
CA ASP D 53 -34.61 -14.64 12.10
C ASP D 53 -33.60 -14.99 13.17
N LEU D 54 -33.85 -14.55 14.41
CA LEU D 54 -33.00 -14.92 15.54
C LEU D 54 -33.06 -16.43 15.75
N PRO D 55 -31.98 -17.01 16.32
CA PRO D 55 -31.92 -18.46 16.53
C PRO D 55 -32.52 -18.92 17.86
N LEU D 56 -32.93 -17.99 18.70
CA LEU D 56 -33.46 -18.32 20.01
C LEU D 56 -34.45 -17.28 20.47
N SER D 57 -35.25 -17.62 21.49
CA SER D 57 -36.28 -16.72 21.98
C SER D 57 -35.64 -15.52 22.65
N ASP D 59 -36.28 -14.64 25.53
CA ASP D 59 -36.02 -15.09 26.89
C ASP D 59 -34.67 -15.78 26.98
N ASP D 60 -34.47 -16.81 26.16
CA ASP D 60 -33.17 -17.47 26.10
C ASP D 60 -32.10 -16.42 25.84
N LEU D 61 -32.44 -15.40 25.05
CA LEU D 61 -31.48 -14.35 24.77
C LEU D 61 -31.23 -13.46 25.99
N LEU D 62 -32.29 -12.93 26.59
CA LEU D 62 -32.14 -11.89 27.62
C LEU D 62 -32.14 -12.37 29.07
N SER D 63 -32.67 -13.55 29.33
CA SER D 63 -32.90 -13.99 30.71
C SER D 63 -31.70 -13.86 31.64
N ASN D 64 -30.52 -14.28 31.16
CA ASN D 64 -29.34 -14.34 32.02
C ASN D 64 -28.36 -13.20 31.76
N VAL D 65 -28.80 -12.18 31.03
CA VAL D 65 -27.91 -11.07 30.71
C VAL D 65 -27.70 -10.18 31.93
N THR D 66 -26.42 -9.86 32.20
CA THR D 66 -26.04 -9.02 33.33
C THR D 66 -25.75 -7.59 32.88
N ALA D 67 -25.24 -7.45 31.66
CA ALA D 67 -24.95 -6.12 31.13
C ALA D 67 -24.96 -6.19 29.62
N VAL D 68 -25.00 -5.01 28.99
CA VAL D 68 -24.96 -4.91 27.54
C VAL D 68 -23.71 -4.13 27.13
N VAL D 69 -23.05 -4.57 26.07
CA VAL D 69 -21.92 -3.86 25.50
C VAL D 69 -22.30 -3.43 24.10
N VAL D 70 -22.26 -2.13 23.84
CA VAL D 70 -22.60 -1.57 22.55
C VAL D 70 -21.38 -0.86 21.97
N THR D 71 -20.73 -1.48 20.98
CA THR D 71 -19.49 -0.93 20.47
C THR D 71 -19.70 0.34 19.66
N HIS D 72 -20.88 0.46 19.07
CA HIS D 72 -21.30 1.65 18.32
C HIS D 72 -22.78 1.48 17.96
N THR D 73 -23.40 2.56 17.49
CA THR D 73 -24.86 2.55 17.34
C THR D 73 -25.35 2.45 15.89
N HIS D 74 -24.51 1.92 15.02
CA HIS D 74 -24.99 1.52 13.71
C HIS D 74 -26.14 0.54 13.92
N LEU D 75 -27.12 0.57 13.01
CA LEU D 75 -28.32 -0.25 13.11
C LEU D 75 -28.06 -1.74 13.34
N ASP D 76 -27.04 -2.26 12.67
CA ASP D 76 -26.73 -3.69 12.76
C ASP D 76 -26.00 -4.06 14.05
N HIS D 77 -25.90 -3.10 14.97
CA HIS D 77 -25.34 -3.32 16.30
C HIS D 77 -26.23 -2.83 17.44
N TRP D 78 -27.30 -2.12 17.09
CA TRP D 78 -28.19 -1.50 18.08
C TRP D 78 -29.43 -1.04 17.33
N ASP D 79 -30.54 -1.74 17.51
CA ASP D 79 -31.75 -1.42 16.75
C ASP D 79 -33.00 -1.23 17.61
N ASP D 80 -34.09 -0.85 16.97
CA ASP D 80 -35.33 -0.58 17.69
C ASP D 80 -35.82 -1.77 18.51
N THR D 81 -35.67 -2.97 17.97
CA THR D 81 -36.11 -4.17 18.69
C THR D 81 -35.32 -4.31 19.99
N ALA D 82 -34.02 -4.05 19.94
CA ALA D 82 -33.20 -4.10 21.14
C ALA D 82 -33.64 -3.03 22.12
N ILE D 83 -33.79 -1.81 21.61
CA ILE D 83 -34.24 -0.68 22.42
C ILE D 83 -35.54 -0.98 23.15
N ASN D 84 -36.46 -1.65 22.47
CA ASN D 84 -37.79 -1.87 23.03
C ASN D 84 -37.95 -3.16 23.83
N SER D 85 -36.92 -3.99 23.85
CA SER D 85 -37.01 -5.28 24.55
C SER D 85 -36.02 -5.44 25.70
N ILE D 86 -34.88 -4.74 25.62
CA ILE D 86 -33.87 -4.84 26.68
C ILE D 86 -34.31 -4.04 27.90
N PRO D 87 -34.30 -4.66 29.08
CA PRO D 87 -34.69 -3.93 30.30
C PRO D 87 -33.94 -2.60 30.42
N LYS D 88 -34.68 -1.54 30.73
CA LYS D 88 -34.10 -0.20 30.77
C LYS D 88 -33.07 -0.03 31.88
N SER D 89 -33.06 -0.97 32.83
CA SER D 89 -32.16 -0.87 33.98
C SER D 89 -30.85 -1.64 33.82
N LEU D 90 -30.69 -2.36 32.70
CA LEU D 90 -29.44 -3.09 32.45
C LEU D 90 -28.30 -2.11 32.21
N PRO D 91 -27.16 -2.34 32.85
CA PRO D 91 -26.02 -1.47 32.54
C PRO D 91 -25.67 -1.60 31.05
N ILE D 92 -25.50 -0.47 30.39
CA ILE D 92 -25.11 -0.45 28.98
C ILE D 92 -23.74 0.21 28.90
N PHE D 93 -22.76 -0.51 28.37
CA PHE D 93 -21.43 0.06 28.15
C PHE D 93 -21.29 0.60 26.74
N VAL D 94 -20.76 1.81 26.61
CA VAL D 94 -20.69 2.51 25.34
C VAL D 94 -19.31 3.15 25.15
N GLN D 95 -19.05 3.62 23.94
CA GLN D 95 -17.72 4.12 23.58
C GLN D 95 -17.46 5.60 23.84
N ASN D 96 -18.52 6.39 23.91
CA ASN D 96 -18.32 7.84 24.00
C ASN D 96 -19.57 8.58 24.47
N THR D 97 -19.43 9.89 24.64
CA THR D 97 -20.55 10.70 25.11
C THR D 97 -21.73 10.74 24.14
N ALA D 98 -21.45 10.84 22.85
CA ALA D 98 -22.51 10.85 21.85
C ALA D 98 -23.40 9.63 21.96
N ASP D 99 -22.77 8.46 22.10
CA ASP D 99 -23.53 7.21 22.20
C ASP D 99 -24.30 7.11 23.53
N LYS D 100 -23.69 7.62 24.62
CA LYS D 100 -24.40 7.65 25.88
C LYS D 100 -25.63 8.57 25.81
N GLU D 101 -25.48 9.72 25.16
CA GLU D 101 -26.62 10.64 25.03
C GLU D 101 -27.75 9.99 24.24
N LEU D 102 -27.41 9.33 23.14
CA LEU D 102 -28.42 8.65 22.34
C LEU D 102 -29.15 7.57 23.14
N ILE D 103 -28.39 6.72 23.80
CA ILE D 103 -28.97 5.58 24.50
C ILE D 103 -29.74 5.99 25.78
N THR D 104 -29.27 7.03 26.46
CA THR D 104 -30.02 7.57 27.59
C THR D 104 -31.34 8.19 27.10
N SER D 105 -31.31 8.79 25.91
CA SER D 105 -32.51 9.38 25.34
C SER D 105 -33.52 8.30 24.98
N GLN D 106 -33.04 7.07 24.83
CA GLN D 106 -33.91 5.95 24.50
C GLN D 106 -34.43 5.23 25.74
N GLY D 107 -34.20 5.83 26.91
CA GLY D 107 -34.79 5.35 28.15
C GLY D 107 -33.89 4.53 29.06
N PHE D 108 -32.64 4.32 28.66
CA PHE D 108 -31.72 3.53 29.47
C PHE D 108 -31.08 4.42 30.54
N ILE D 109 -31.18 3.99 31.80
CA ILE D 109 -30.82 4.83 32.93
C ILE D 109 -29.47 4.49 33.56
N ASP D 110 -28.78 3.51 33.01
CA ASP D 110 -27.48 3.14 33.54
C ASP D 110 -26.55 2.91 32.36
N VAL D 111 -25.95 4.00 31.87
CA VAL D 111 -25.15 3.95 30.66
C VAL D 111 -23.75 4.46 31.01
N ARG D 112 -22.74 3.67 30.64
CA ARG D 112 -21.39 3.89 31.15
C ARG D 112 -20.42 3.98 30.00
N ILE D 113 -19.70 5.10 29.94
CA ILE D 113 -18.74 5.33 28.86
C ILE D 113 -17.39 4.71 29.23
N ILE D 114 -16.90 3.83 28.38
CA ILE D 114 -15.55 3.33 28.59
C ILE D 114 -14.56 4.29 27.96
N PHE D 115 -14.05 5.22 28.77
CA PHE D 115 -13.03 6.15 28.28
C PHE D 115 -11.68 5.44 28.14
N GLU D 116 -11.36 4.62 29.13
CA GLU D 116 -10.11 3.85 29.12
C GLU D 116 -10.43 2.41 29.45
N SER D 117 -10.76 2.19 30.72
CA SER D 117 -11.29 0.91 31.18
C SER D 117 -12.32 1.18 32.25
N LEU D 118 -13.22 0.22 32.42
CA LEU D 118 -14.15 0.22 33.54
C LEU D 118 -14.19 -1.18 34.13
N GLU D 119 -14.59 -1.27 35.40
CA GLU D 119 -14.75 -2.55 36.06
CA GLU D 119 -14.75 -2.55 36.07
C GLU D 119 -16.23 -2.84 36.29
N PHE D 120 -16.61 -4.10 36.10
CA PHE D 120 -17.99 -4.50 36.31
C PHE D 120 -18.03 -5.93 36.81
N ASN D 121 -18.51 -6.09 38.04
CA ASN D 121 -18.72 -7.42 38.60
C ASN D 121 -17.42 -8.23 38.59
N GLY D 122 -16.29 -7.57 38.79
CA GLY D 122 -14.99 -8.24 38.80
C GLY D 122 -14.31 -8.39 37.46
N ILE D 123 -14.96 -7.90 36.41
CA ILE D 123 -14.39 -7.99 35.07
C ILE D 123 -13.89 -6.61 34.62
N THR D 124 -12.73 -6.58 33.99
CA THR D 124 -12.20 -5.33 33.45
C THR D 124 -12.52 -5.23 31.97
N LEU D 125 -13.17 -4.14 31.58
CA LEU D 125 -13.45 -3.87 30.17
C LEU D 125 -12.57 -2.72 29.71
N ARG D 126 -11.69 -3.00 28.74
CA ARG D 126 -10.78 -1.99 28.20
C ARG D 126 -11.17 -1.61 26.80
N LYS D 127 -11.33 -0.32 26.54
CA LYS D 127 -11.66 0.10 25.19
C LYS D 127 -10.45 -0.05 24.26
N THR D 128 -10.70 -0.57 23.08
CA THR D 128 -9.67 -0.62 22.05
C THR D 128 -10.07 0.25 20.86
N GLY D 129 -9.09 0.70 20.11
CA GLY D 129 -9.33 1.59 18.99
C GLY D 129 -9.73 0.85 17.73
N GLY D 130 -10.17 1.62 16.74
CA GLY D 130 -10.46 1.06 15.44
C GLY D 130 -10.80 2.12 14.43
N SER D 131 -10.76 1.73 13.16
CA SER D 131 -11.17 2.59 12.06
CA SER D 131 -11.18 2.60 12.07
C SER D 131 -12.13 1.79 11.19
N HIS D 132 -13.36 2.25 11.12
CA HIS D 132 -14.45 1.56 10.42
C HIS D 132 -14.38 1.85 8.92
N GLY D 133 -13.20 1.64 8.33
CA GLY D 133 -12.96 1.97 6.95
C GLY D 133 -11.50 2.29 6.75
N THR D 134 -11.06 2.33 5.50
CA THR D 134 -9.68 2.67 5.17
C THR D 134 -9.46 4.18 5.27
N VAL D 135 -8.19 4.59 5.28
CA VAL D 135 -7.88 6.02 5.29
C VAL D 135 -8.54 6.75 4.13
N GLU D 136 -8.52 6.15 2.93
CA GLU D 136 -9.16 6.73 1.76
CA GLU D 136 -9.16 6.73 1.76
C GLU D 136 -10.65 6.96 1.97
N TYR D 138 -12.12 7.48 4.85
CA TYR D 138 -12.31 8.58 5.80
C TYR D 138 -11.98 9.95 5.21
N ALA D 139 -11.24 9.95 4.09
CA ALA D 139 -10.95 11.20 3.40
C ALA D 139 -12.15 11.64 2.55
N ASN D 140 -13.10 10.72 2.35
CA ASN D 140 -14.30 11.03 1.58
C ASN D 140 -15.37 11.60 2.50
N PRO D 141 -15.77 12.87 2.25
CA PRO D 141 -16.65 13.57 3.20
C PRO D 141 -18.09 13.04 3.23
N VAL D 142 -18.45 12.21 2.26
CA VAL D 142 -19.78 11.60 2.27
C VAL D 142 -19.77 10.32 3.11
N LEU D 143 -18.78 9.46 2.86
CA LEU D 143 -18.66 8.19 3.58
C LEU D 143 -18.27 8.37 5.04
N ALA D 144 -17.33 9.27 5.32
CA ALA D 144 -16.74 9.36 6.64
C ALA D 144 -17.75 9.47 7.80
N PRO D 145 -18.69 10.42 7.71
CA PRO D 145 -19.66 10.55 8.80
C PRO D 145 -20.56 9.31 8.94
N LEU D 146 -20.79 8.59 7.86
CA LEU D 146 -21.61 7.37 7.93
C LEU D 146 -20.84 6.25 8.63
N ALA D 147 -19.52 6.28 8.54
CA ALA D 147 -18.67 5.26 9.13
C ALA D 147 -18.51 5.47 10.63
N GLY D 148 -18.07 6.67 11.02
CA GLY D 148 -18.01 7.05 12.42
C GLY D 148 -16.97 6.32 13.25
N ASP D 149 -17.15 6.34 14.57
CA ASP D 149 -16.30 5.64 15.52
C ASP D 149 -16.92 4.31 15.90
N ALA D 150 -16.09 3.31 16.18
CA ALA D 150 -16.57 2.04 16.70
C ALA D 150 -15.45 1.36 17.46
N GLY D 152 -13.45 -1.54 19.92
CA GLY D 152 -13.39 -2.92 20.36
C GLY D 152 -13.31 -2.92 21.88
N VAL D 153 -13.36 -4.11 22.46
CA VAL D 153 -13.29 -4.24 23.91
C VAL D 153 -12.44 -5.44 24.29
N ILE D 154 -11.54 -5.23 25.24
CA ILE D 154 -10.79 -6.31 25.86
C ILE D 154 -11.46 -6.64 27.20
N PHE D 155 -11.84 -7.90 27.38
CA PHE D 155 -12.41 -8.36 28.66
C PHE D 155 -11.35 -9.14 29.42
N GLU D 156 -11.12 -8.75 30.68
CA GLU D 156 -10.13 -9.43 31.53
C GLU D 156 -10.73 -9.78 32.88
N ALA D 157 -10.36 -10.94 33.42
CA ALA D 157 -10.72 -11.30 34.78
C ALA D 157 -9.77 -12.37 35.32
N ALA D 158 -9.60 -12.41 36.63
CA ALA D 158 -8.67 -13.35 37.25
C ALA D 158 -8.99 -14.78 36.85
N ASP D 159 -7.96 -15.51 36.44
CA ASP D 159 -8.11 -16.92 36.10
C ASP D 159 -9.13 -17.16 34.99
N GLU D 160 -9.32 -16.17 34.13
CA GLU D 160 -10.19 -16.33 32.96
C GLU D 160 -9.42 -15.94 31.71
N PRO D 161 -9.83 -16.50 30.57
CA PRO D 161 -9.19 -16.10 29.31
C PRO D 161 -9.44 -14.63 29.04
N THR D 162 -8.43 -13.93 28.53
CA THR D 162 -8.64 -12.57 28.06
C THR D 162 -9.30 -12.63 26.70
N VAL D 163 -10.40 -11.91 26.56
CA VAL D 163 -11.17 -11.93 25.32
C VAL D 163 -11.09 -10.58 24.60
N TYR D 164 -10.75 -10.61 23.32
CA TYR D 164 -10.67 -9.40 22.50
C TYR D 164 -11.83 -9.37 21.52
N LEU D 165 -12.80 -8.51 21.79
CA LEU D 165 -13.86 -8.20 20.86
C LEU D 165 -13.34 -7.09 19.95
N VAL D 166 -12.94 -7.45 18.73
CA VAL D 166 -12.19 -6.53 17.90
C VAL D 166 -13.05 -5.37 17.40
N GLY D 167 -14.30 -5.69 17.04
CA GLY D 167 -15.26 -4.69 16.62
C GLY D 167 -15.22 -4.36 15.14
N ASP D 168 -15.99 -3.35 14.74
CA ASP D 168 -16.08 -2.94 13.35
C ASP D 168 -14.90 -2.03 12.98
N THR D 169 -13.77 -2.66 12.68
CA THR D 169 -12.57 -1.95 12.29
C THR D 169 -11.83 -2.74 11.22
N VAL D 170 -11.11 -2.04 10.37
CA VAL D 170 -10.15 -2.70 9.48
C VAL D 170 -8.88 -2.89 10.30
N TRP D 171 -7.88 -3.56 9.72
CA TRP D 171 -6.65 -3.83 10.45
C TRP D 171 -5.81 -2.56 10.55
N THR D 172 -5.66 -2.03 11.77
CA THR D 172 -4.86 -0.84 12.00
C THR D 172 -3.90 -1.08 13.13
N SER D 173 -3.09 -0.08 13.43
CA SER D 173 -2.17 -0.18 14.57
C SER D 173 -2.90 -0.31 15.89
N ASP D 174 -4.16 0.09 15.93
CA ASP D 174 -4.93 -0.07 17.15
C ASP D 174 -5.15 -1.55 17.46
N VAL D 175 -5.30 -2.36 16.41
CA VAL D 175 -5.43 -3.79 16.57
C VAL D 175 -4.11 -4.38 17.04
N GLU D 176 -2.99 -3.96 16.41
CA GLU D 176 -1.67 -4.42 16.85
C GLU D 176 -1.40 -4.03 18.30
N LYS D 177 -1.76 -2.81 18.67
CA LYS D 177 -1.61 -2.36 20.05
C LYS D 177 -2.35 -3.27 21.03
N ALA D 178 -3.61 -3.57 20.74
CA ALA D 178 -4.41 -4.40 21.64
C ALA D 178 -3.83 -5.80 21.75
N LEU D 179 -3.43 -6.36 20.61
CA LEU D 179 -2.92 -7.72 20.60
C LEU D 179 -1.66 -7.85 21.45
N LEU D 180 -0.76 -6.88 21.33
CA LEU D 180 0.51 -6.96 22.05
C LEU D 180 0.36 -6.61 23.53
N ARG D 181 -0.42 -5.57 23.81
CA ARG D 181 -0.58 -5.11 25.20
C ARG D 181 -1.36 -6.07 26.08
N PHE D 182 -2.34 -6.76 25.50
CA PHE D 182 -3.23 -7.55 26.34
C PHE D 182 -3.20 -9.05 26.03
N ASP D 183 -2.49 -9.42 24.97
CA ASP D 183 -2.27 -10.82 24.62
C ASP D 183 -3.53 -11.68 24.80
N PRO D 184 -4.58 -11.37 24.03
CA PRO D 184 -5.85 -12.07 24.23
C PRO D 184 -5.77 -13.55 23.87
N ASN D 185 -6.51 -14.36 24.61
CA ASN D 185 -6.57 -15.80 24.39
C ASN D 185 -7.71 -16.17 23.44
N VAL D 186 -8.72 -15.29 23.37
CA VAL D 186 -9.88 -15.49 22.53
C VAL D 186 -10.08 -14.20 21.74
N ILE D 187 -10.29 -14.33 20.43
CA ILE D 187 -10.37 -13.14 19.58
C ILE D 187 -11.60 -13.24 18.68
N ILE D 188 -12.57 -12.39 18.95
CA ILE D 188 -13.83 -12.37 18.21
C ILE D 188 -13.75 -11.28 17.15
N ASN D 190 -15.04 -9.47 13.36
CA ASN D 190 -16.13 -9.20 12.40
C ASN D 190 -15.58 -9.32 10.97
N THR D 191 -15.90 -10.44 10.33
CA THR D 191 -15.20 -10.83 9.11
C THR D 191 -16.08 -10.89 7.86
N GLY D 192 -17.23 -10.24 7.93
CA GLY D 192 -18.18 -10.22 6.82
C GLY D 192 -17.76 -9.35 5.64
N TYR D 193 -16.68 -8.57 5.79
CA TYR D 193 -16.15 -7.80 4.67
C TYR D 193 -17.25 -6.95 4.03
N ALA D 194 -17.88 -6.11 4.85
CA ALA D 194 -18.92 -5.23 4.34
C ALA D 194 -18.32 -4.25 3.36
N GLN D 195 -19.02 -4.03 2.25
CA GLN D 195 -18.52 -3.16 1.21
C GLN D 195 -19.51 -2.09 0.77
N ILE D 196 -18.95 -0.99 0.26
CA ILE D 196 -19.71 0.16 -0.20
C ILE D 196 -19.61 0.22 -1.73
N LEU D 197 -20.70 0.61 -2.39
CA LEU D 197 -20.66 0.72 -3.85
C LEU D 197 -19.63 1.79 -4.26
N GLY D 198 -18.80 1.47 -5.25
CA GLY D 198 -17.80 2.42 -5.73
C GLY D 198 -16.47 2.42 -4.98
N PHE D 199 -16.31 1.51 -4.03
CA PHE D 199 -15.07 1.43 -3.26
C PHE D 199 -14.56 -0.02 -3.23
N GLU D 200 -13.25 -0.17 -3.37
CA GLU D 200 -12.61 -1.48 -3.52
C GLU D 200 -12.48 -2.32 -2.26
N ASP D 201 -12.21 -1.69 -1.13
CA ASP D 201 -11.89 -2.41 0.09
C ASP D 201 -13.13 -2.60 0.98
N SER D 202 -12.93 -2.66 2.29
CA SER D 202 -14.03 -2.92 3.21
C SER D 202 -14.04 -1.98 4.40
N ILE D 203 -15.18 -1.82 5.03
CA ILE D 203 -15.28 -1.07 6.29
C ILE D 203 -15.05 -1.95 7.53
N ILE D 204 -14.98 -3.27 7.33
CA ILE D 204 -14.60 -4.17 8.41
C ILE D 204 -13.55 -5.18 7.91
N GLY D 206 -12.02 -9.22 6.81
CA GLY D 206 -12.38 -10.32 5.94
C GLY D 206 -11.42 -11.46 6.10
N THR D 207 -11.35 -12.33 5.10
CA THR D 207 -10.47 -13.50 5.21
C THR D 207 -8.99 -13.13 5.33
N LYS D 208 -8.56 -12.06 4.68
CA LYS D 208 -7.15 -11.68 4.77
C LYS D 208 -6.79 -11.43 6.22
N ASP D 209 -7.70 -10.81 6.96
CA ASP D 209 -7.46 -10.52 8.38
C ASP D 209 -7.45 -11.77 9.25
N ILE D 210 -8.29 -12.74 8.89
CA ILE D 210 -8.31 -13.99 9.61
C ILE D 210 -6.94 -14.68 9.49
N GLY D 211 -6.42 -14.74 8.26
CA GLY D 211 -5.13 -15.35 8.05
C GLY D 211 -4.06 -14.63 8.85
N ARG D 212 -4.09 -13.30 8.80
CA ARG D 212 -3.11 -12.50 9.52
CA ARG D 212 -3.12 -12.47 9.52
C ARG D 212 -3.23 -12.68 11.04
N VAL D 214 -4.22 -15.35 12.61
CA VAL D 214 -3.66 -16.65 12.95
C VAL D 214 -2.14 -16.62 12.98
N VAL D 215 -1.54 -15.85 12.08
CA VAL D 215 -0.09 -15.64 12.08
C VAL D 215 0.35 -14.91 13.33
N ARG D 216 -0.34 -13.83 13.67
CA ARG D 216 0.02 -13.03 14.84
C ARG D 216 -0.16 -13.80 16.15
N LYS D 217 -1.25 -14.56 16.25
CA LYS D 217 -1.62 -15.24 17.49
C LYS D 217 -2.01 -16.68 17.24
N PRO D 218 -1.02 -17.53 16.93
CA PRO D 218 -1.28 -18.94 16.60
C PRO D 218 -1.90 -19.74 17.76
N GLU D 219 -1.76 -19.23 18.99
CA GLU D 219 -2.24 -19.94 20.16
C GLU D 219 -3.66 -19.52 20.54
N ALA D 220 -4.15 -18.44 19.94
CA ALA D 220 -5.46 -17.90 20.30
C ALA D 220 -6.61 -18.66 19.62
N LYS D 221 -7.75 -18.68 20.29
CA LYS D 221 -8.98 -19.18 19.70
C LYS D 221 -9.66 -18.02 18.99
N ILE D 222 -9.72 -18.08 17.68
CA ILE D 222 -10.35 -17.03 16.90
C ILE D 222 -11.79 -17.43 16.60
N ILE D 223 -12.70 -16.47 16.72
CA ILE D 223 -14.12 -16.69 16.45
C ILE D 223 -14.55 -15.65 15.44
N ALA D 224 -14.96 -16.11 14.25
CA ALA D 224 -15.33 -15.20 13.17
C ALA D 224 -16.83 -15.02 13.09
N VAL D 225 -17.28 -13.77 13.13
CA VAL D 225 -18.71 -13.46 13.13
C VAL D 225 -19.03 -12.30 12.18
N HIS D 226 -20.21 -11.71 12.33
CA HIS D 226 -20.67 -10.58 11.50
C HIS D 226 -20.97 -11.01 10.06
N ASP D 228 -23.61 -13.34 7.08
CA ASP D 228 -24.85 -13.98 6.66
C ASP D 228 -26.07 -13.37 7.32
N THR D 229 -26.04 -12.06 7.51
CA THR D 229 -27.16 -11.38 8.15
C THR D 229 -27.55 -10.09 7.45
N VAL D 230 -26.60 -9.16 7.35
CA VAL D 230 -26.87 -7.88 6.69
C VAL D 230 -26.56 -7.98 5.20
N ASN D 231 -26.98 -6.99 4.44
CA ASN D 231 -26.95 -7.10 2.98
C ASN D 231 -25.57 -6.94 2.38
N HIS D 232 -24.72 -6.12 3.01
CA HIS D 232 -23.49 -5.67 2.36
C HIS D 232 -22.21 -6.43 2.73
N THR D 233 -22.34 -7.45 3.56
CA THR D 233 -21.20 -8.28 3.95
C THR D 233 -20.91 -9.29 2.83
N ALA D 234 -19.84 -9.00 2.09
CA ALA D 234 -19.53 -9.71 0.85
C ALA D 234 -18.79 -11.03 1.08
N THR D 235 -18.43 -11.27 2.34
CA THR D 235 -17.79 -12.52 2.73
C THR D 235 -18.71 -13.30 3.65
N SER D 236 -19.06 -14.51 3.23
CA SER D 236 -20.02 -15.35 3.95
C SER D 236 -19.32 -16.38 4.83
N ARG D 237 -20.10 -17.09 5.65
CA ARG D 237 -19.55 -18.20 6.41
C ARG D 237 -18.91 -19.22 5.48
N LYS D 238 -19.62 -19.56 4.40
CA LYS D 238 -19.10 -20.49 3.40
C LYS D 238 -17.72 -20.03 2.90
N ASP D 239 -17.60 -18.75 2.57
CA ASP D 239 -16.34 -18.18 2.12
C ASP D 239 -15.23 -18.36 3.17
N VAL D 240 -15.54 -18.08 4.42
CA VAL D 240 -14.53 -18.21 5.46
C VAL D 240 -14.13 -19.67 5.67
N ARG D 241 -15.12 -20.57 5.65
CA ARG D 241 -14.83 -21.98 5.83
C ARG D 241 -13.93 -22.52 4.72
N LYS D 242 -14.16 -22.08 3.49
CA LYS D 242 -13.31 -22.50 2.37
C LYS D 242 -11.88 -22.00 2.60
N PHE D 243 -11.77 -20.75 3.03
CA PHE D 243 -10.48 -20.12 3.26
C PHE D 243 -9.67 -20.81 4.36
N ILE D 244 -10.29 -21.06 5.52
CA ILE D 244 -9.54 -21.65 6.61
C ILE D 244 -9.19 -23.12 6.34
N LYS D 245 -10.04 -23.82 5.61
CA LYS D 245 -9.75 -25.20 5.23
C LYS D 245 -8.56 -25.22 4.27
N GLY D 246 -8.61 -24.35 3.27
CA GLY D 246 -7.57 -24.30 2.25
C GLY D 246 -6.20 -23.94 2.80
N ASN D 247 -6.19 -23.16 3.89
CA ASN D 247 -4.95 -22.77 4.56
C ASN D 247 -4.56 -23.65 5.75
N ASN D 248 -5.32 -24.70 5.99
CA ASN D 248 -5.02 -25.66 7.05
C ASN D 248 -5.03 -25.05 8.45
N ILE D 249 -5.94 -24.09 8.66
CA ILE D 249 -6.01 -23.38 9.95
C ILE D 249 -7.36 -23.49 10.62
N GLU D 250 -8.14 -24.50 10.25
CA GLU D 250 -9.44 -24.73 10.87
C GLU D 250 -9.39 -24.86 12.38
N SER D 251 -8.31 -25.42 12.90
CA SER D 251 -8.20 -25.62 14.35
C SER D 251 -8.11 -24.30 15.10
N HIS D 252 -7.77 -23.22 14.37
CA HIS D 252 -7.56 -21.90 14.96
C HIS D 252 -8.80 -21.02 14.90
N VAL D 253 -9.66 -21.28 13.93
CA VAL D 253 -10.76 -20.39 13.62
C VAL D 253 -12.10 -21.09 13.67
N ALA D 254 -12.94 -20.65 14.61
CA ALA D 254 -14.31 -21.12 14.72
C ALA D 254 -15.22 -20.19 13.93
N VAL D 255 -16.22 -20.77 13.28
CA VAL D 255 -17.23 -20.01 12.56
C VAL D 255 -18.58 -20.48 13.11
N PRO D 256 -18.98 -19.95 14.27
CA PRO D 256 -20.20 -20.45 14.93
C PRO D 256 -21.46 -20.13 14.14
N GLU D 257 -22.40 -21.07 14.14
CA GLU D 257 -23.73 -20.80 13.61
C GLU D 257 -24.49 -19.87 14.56
N ASP D 258 -25.54 -19.25 14.06
CA ASP D 258 -26.45 -18.51 14.92
C ASP D 258 -26.98 -19.45 15.99
N GLY D 259 -26.83 -19.05 17.25
CA GLY D 259 -27.31 -19.84 18.38
C GLY D 259 -26.29 -20.80 18.96
N GLU D 260 -25.14 -20.93 18.31
CA GLU D 260 -24.12 -21.88 18.74
C GLU D 260 -23.24 -21.35 19.89
N THR D 261 -22.96 -22.23 20.84
CA THR D 261 -22.14 -21.89 21.99
C THR D 261 -20.75 -22.49 21.87
N ILE D 262 -19.74 -21.68 22.12
CA ILE D 262 -18.36 -22.14 22.14
C ILE D 262 -17.83 -22.00 23.56
N THR D 263 -17.35 -23.10 24.13
CA THR D 263 -16.77 -23.06 25.48
C THR D 263 -15.37 -22.46 25.42
N LEU D 264 -15.08 -21.53 26.32
CA LEU D 264 -13.80 -20.85 26.31
C LEU D 264 -12.91 -21.29 27.47
#